data_5XWB
#
_entry.id   5XWB
#
_cell.length_a   61.798
_cell.length_b   80.027
_cell.length_c   82.271
_cell.angle_alpha   90.00
_cell.angle_beta   96.46
_cell.angle_gamma   90.00
#
_symmetry.space_group_name_H-M   'P 1 21 1'
#
loop_
_entity.id
_entity.type
_entity.pdbx_description
1 polymer '3-phosphoshikimate 1-carboxyvinyltransferase'
2 water water
#
_entity_poly.entity_id   1
_entity_poly.type   'polypeptide(L)'
_entity_poly.pdbx_seq_one_letter_code
;MGSSHHHHHHSSGLVPRGSHMEQLTLNPIGKINGEIFLPGSKSLSNRALLIAALANGVTKITNLLVSDDINHMLNALKSL
GIEYTLSDCGTECTVIGNGGFFNAKKPLELYLGNAGTAMRPLCAALAASEGEFILTGEPRMKERPIGHLVDALAQLDADI
EYLENKDYPPVKIKGKALTGNTVTIDGSISSQFLTAILMIAPLLETNTTIEIDGELVSKPYIDITLDIMRRFNVSVQNND
YKSFIVNGKQSYQALDKYMVEGDASSASYFLAAGAIKGGEVTVHGIGKLSVQGDKHFADVLEKMGAEIHWKDESITVIGK
PLTAVDMDMNHIPDAAMTIATTALFATGTTTIRNIYNWRVKETDRLNAMATELRKVGAEVVEGKDYISITPPKSLKHAEI
DTYNDHRVAMCFSLVALSDTPVTINDPKCTAKTFPDYFDKLAQVSC
;
_entity_poly.pdbx_strand_id   A,B
#
# COMPACT_ATOMS: atom_id res chain seq x y z
N MET A 21 19.20 5.29 25.12
CA MET A 21 17.88 5.95 24.90
C MET A 21 16.85 5.49 25.97
N GLU A 22 15.76 4.82 25.57
CA GLU A 22 14.65 4.60 26.44
C GLU A 22 14.86 3.33 27.28
N GLN A 23 14.29 3.37 28.48
CA GLN A 23 14.18 2.24 29.34
C GLN A 23 12.74 2.19 29.82
N LEU A 24 12.27 1.00 30.16
CA LEU A 24 11.03 0.76 30.82
C LEU A 24 11.35 -0.03 32.11
N THR A 25 10.78 0.39 33.23
CA THR A 25 10.96 -0.35 34.48
C THR A 25 9.64 -0.98 34.85
N LEU A 26 9.66 -2.31 35.01
CA LEU A 26 8.47 -3.05 35.44
C LEU A 26 8.64 -3.39 36.88
N ASN A 27 7.61 -3.06 37.66
CA ASN A 27 7.63 -3.28 39.09
C ASN A 27 7.01 -4.64 39.42
N PRO A 28 7.37 -5.23 40.57
CA PRO A 28 6.90 -6.57 40.98
C PRO A 28 5.40 -6.78 40.83
N ILE A 29 5.03 -7.87 40.18
CA ILE A 29 3.62 -8.20 39.92
C ILE A 29 3.27 -9.29 40.96
N GLY A 30 2.24 -9.06 41.77
CA GLY A 30 1.86 -10.02 42.80
C GLY A 30 1.12 -11.22 42.20
N LYS A 31 0.43 -11.02 41.07
CA LYS A 31 -0.38 -12.08 40.53
C LYS A 31 -0.68 -11.82 39.09
N ILE A 32 -0.77 -12.88 38.29
CA ILE A 32 -1.12 -12.80 36.89
C ILE A 32 -2.45 -13.53 36.74
N ASN A 33 -3.39 -12.94 36.02
CA ASN A 33 -4.70 -13.50 35.89
C ASN A 33 -5.48 -12.74 34.84
N GLY A 34 -6.14 -13.42 33.92
CA GLY A 34 -7.01 -12.74 32.97
C GLY A 34 -6.98 -13.34 31.57
N GLU A 35 -7.40 -12.55 30.60
CA GLU A 35 -7.51 -12.98 29.21
C GLU A 35 -6.55 -12.11 28.39
N ILE A 36 -5.89 -12.70 27.39
CA ILE A 36 -5.01 -12.02 26.44
C ILE A 36 -5.59 -12.38 25.07
N PHE A 37 -5.70 -11.42 24.15
CA PHE A 37 -6.10 -11.70 22.76
C PHE A 37 -4.92 -11.42 21.88
N LEU A 38 -4.39 -12.49 21.31
CA LEU A 38 -3.24 -12.35 20.44
C LEU A 38 -3.65 -11.86 19.05
N PRO A 39 -2.93 -10.90 18.51
CA PRO A 39 -3.20 -10.54 17.12
C PRO A 39 -2.75 -11.65 16.16
N GLY A 40 -3.17 -11.55 14.92
CA GLY A 40 -2.84 -12.56 13.93
C GLY A 40 -1.35 -12.71 13.77
N SER A 41 -0.93 -13.93 13.49
CA SER A 41 0.46 -14.16 13.18
C SER A 41 0.74 -13.57 11.78
N LYS A 42 1.95 -13.05 11.65
CA LYS A 42 2.43 -12.44 10.43
C LYS A 42 2.35 -13.39 9.21
N SER A 43 2.94 -14.55 9.33
CA SER A 43 3.07 -15.41 8.22
C SER A 43 1.73 -16.05 7.84
N LEU A 44 0.85 -16.38 8.81
CA LEU A 44 -0.49 -16.83 8.44
C LEU A 44 -1.39 -15.71 7.87
N SER A 45 -1.22 -14.47 8.35
CA SER A 45 -1.96 -13.30 7.81
C SER A 45 -1.67 -13.16 6.32
N ASN A 46 -0.40 -13.27 5.95
CA ASN A 46 -0.02 -13.20 4.52
C ASN A 46 -0.49 -14.34 3.63
N ARG A 47 -0.37 -15.56 4.14
CA ARG A 47 -0.90 -16.70 3.46
C ARG A 47 -2.42 -16.62 3.34
N ALA A 48 -3.12 -16.20 4.39
CA ALA A 48 -4.60 -16.08 4.29
C ALA A 48 -4.95 -15.04 3.21
N LEU A 49 -4.24 -13.92 3.19
CA LEU A 49 -4.54 -12.90 2.21
C LEU A 49 -4.32 -13.37 0.76
N LEU A 50 -3.19 -14.00 0.50
CA LEU A 50 -2.89 -14.43 -0.84
C LEU A 50 -3.89 -15.52 -1.29
N ILE A 51 -4.17 -16.47 -0.42
CA ILE A 51 -5.06 -17.56 -0.77
C ILE A 51 -6.46 -17.03 -1.04
N ALA A 52 -6.99 -16.15 -0.18
CA ALA A 52 -8.28 -15.58 -0.38
C ALA A 52 -8.36 -14.76 -1.64
N ALA A 53 -7.25 -14.09 -1.97
CA ALA A 53 -7.21 -13.35 -3.25
C ALA A 53 -7.25 -14.26 -4.50
N LEU A 54 -6.61 -15.43 -4.41
CA LEU A 54 -6.62 -16.38 -5.53
C LEU A 54 -7.93 -17.20 -5.61
N ALA A 55 -8.66 -17.30 -4.51
CA ALA A 55 -9.83 -18.17 -4.42
C ALA A 55 -11.01 -17.68 -5.23
N ASN A 56 -11.99 -18.57 -5.41
CA ASN A 56 -13.31 -18.23 -5.97
C ASN A 56 -14.21 -17.89 -4.78
N GLY A 57 -14.89 -16.74 -4.79
CA GLY A 57 -15.85 -16.41 -3.68
C GLY A 57 -15.33 -15.34 -2.70
N VAL A 58 -16.13 -15.04 -1.69
CA VAL A 58 -15.91 -13.92 -0.80
C VAL A 58 -15.40 -14.52 0.49
N THR A 59 -14.19 -14.17 0.91
CA THR A 59 -13.73 -14.62 2.24
C THR A 59 -13.70 -13.47 3.25
N LYS A 60 -14.28 -13.67 4.43
CA LYS A 60 -14.03 -12.73 5.57
C LYS A 60 -12.87 -13.30 6.45
N ILE A 61 -11.72 -12.63 6.39
CA ILE A 61 -10.56 -12.91 7.24
C ILE A 61 -10.68 -12.10 8.50
N THR A 62 -10.63 -12.75 9.66
CA THR A 62 -10.73 -12.06 10.97
C THR A 62 -9.40 -12.28 11.68
N ASN A 63 -9.17 -11.46 12.71
CA ASN A 63 -7.90 -11.40 13.49
C ASN A 63 -6.68 -11.18 12.62
N LEU A 64 -6.87 -10.53 11.48
CA LEU A 64 -5.76 -10.18 10.63
C LEU A 64 -4.76 -9.28 11.39
N LEU A 65 -3.47 -9.52 11.22
CA LEU A 65 -2.44 -8.65 11.82
C LEU A 65 -2.52 -7.22 11.21
N VAL A 66 -2.56 -6.22 12.07
CA VAL A 66 -2.41 -4.85 11.65
C VAL A 66 -0.92 -4.50 11.85
N SER A 67 -0.18 -4.42 10.74
CA SER A 67 1.23 -3.96 10.80
C SER A 67 1.66 -3.48 9.43
N ASP A 68 2.85 -2.90 9.38
CA ASP A 68 3.41 -2.39 8.12
C ASP A 68 3.61 -3.48 7.07
N ASP A 69 4.10 -4.66 7.46
CA ASP A 69 4.28 -5.76 6.49
C ASP A 69 2.99 -6.23 5.87
N ILE A 70 1.96 -6.42 6.66
CA ILE A 70 0.64 -6.75 6.13
C ILE A 70 0.02 -5.64 5.25
N ASN A 71 0.23 -4.39 5.63
CA ASN A 71 -0.23 -3.27 4.80
C ASN A 71 0.44 -3.28 3.40
N HIS A 72 1.70 -3.68 3.29
CA HIS A 72 2.32 -3.83 1.98
C HIS A 72 1.73 -4.98 1.17
N MET A 73 1.38 -6.07 1.85
CA MET A 73 0.70 -7.17 1.18
C MET A 73 -0.67 -6.70 0.68
N LEU A 74 -1.43 -6.00 1.52
CA LEU A 74 -2.71 -5.41 1.13
C LEU A 74 -2.60 -4.45 -0.09
N ASN A 75 -1.57 -3.63 -0.09
CA ASN A 75 -1.33 -2.67 -1.18
C ASN A 75 -0.95 -3.35 -2.47
N ALA A 76 -0.07 -4.35 -2.38
CA ALA A 76 0.32 -5.18 -3.53
C ALA A 76 -0.91 -5.86 -4.16
N LEU A 77 -1.74 -6.47 -3.35
CA LEU A 77 -2.99 -7.07 -3.80
C LEU A 77 -3.99 -6.05 -4.42
N LYS A 78 -4.12 -4.87 -3.82
CA LYS A 78 -4.97 -3.81 -4.39
C LYS A 78 -4.45 -3.39 -5.77
N SER A 79 -3.13 -3.26 -5.92
CA SER A 79 -2.48 -2.93 -7.21
C SER A 79 -2.80 -3.92 -8.26
N LEU A 80 -2.86 -5.19 -7.85
CA LEU A 80 -3.08 -6.28 -8.78
C LEU A 80 -4.53 -6.43 -9.15
N GLY A 81 -5.41 -5.59 -8.62
CA GLY A 81 -6.85 -5.62 -8.94
C GLY A 81 -7.74 -6.32 -7.96
N ILE A 82 -7.25 -6.67 -6.78
CA ILE A 82 -8.10 -7.40 -5.85
C ILE A 82 -8.94 -6.39 -5.08
N GLU A 83 -10.24 -6.64 -4.98
CA GLU A 83 -11.14 -5.85 -4.22
C GLU A 83 -11.34 -6.45 -2.83
N TYR A 84 -11.05 -5.66 -1.80
CA TYR A 84 -11.41 -6.02 -0.45
C TYR A 84 -11.91 -4.81 0.32
N THR A 85 -12.56 -5.11 1.44
CA THR A 85 -13.00 -4.15 2.43
C THR A 85 -12.37 -4.47 3.80
N LEU A 86 -11.67 -3.51 4.36
CA LEU A 86 -11.23 -3.56 5.73
C LEU A 86 -12.31 -3.12 6.74
N SER A 87 -12.33 -3.77 7.88
CA SER A 87 -13.17 -3.32 9.02
C SER A 87 -12.54 -3.71 10.37
N ASP A 88 -13.19 -3.29 11.46
CA ASP A 88 -12.62 -3.35 12.80
C ASP A 88 -11.19 -2.86 12.84
N CYS A 89 -10.96 -1.64 12.37
CA CYS A 89 -9.59 -1.02 12.32
C CYS A 89 -8.49 -1.96 11.78
N GLY A 90 -8.81 -2.65 10.67
CA GLY A 90 -7.85 -3.42 9.90
C GLY A 90 -7.74 -4.89 10.28
N THR A 91 -8.46 -5.31 11.32
CA THR A 91 -8.34 -6.68 11.76
C THR A 91 -9.31 -7.61 11.01
N GLU A 92 -10.23 -7.09 10.22
CA GLU A 92 -11.14 -7.90 9.47
C GLU A 92 -11.01 -7.46 7.99
N CYS A 93 -10.82 -8.40 7.07
CA CYS A 93 -10.67 -8.15 5.67
C CYS A 93 -11.63 -9.04 4.90
N THR A 94 -12.63 -8.46 4.22
CA THR A 94 -13.52 -9.19 3.35
C THR A 94 -12.94 -9.07 1.94
N VAL A 95 -12.52 -10.19 1.34
CA VAL A 95 -11.76 -10.24 0.08
C VAL A 95 -12.63 -10.89 -0.98
N ILE A 96 -12.73 -10.26 -2.14
CA ILE A 96 -13.45 -10.90 -3.25
C ILE A 96 -12.39 -11.63 -4.01
N GLY A 97 -12.49 -12.95 -4.02
CA GLY A 97 -11.50 -13.77 -4.69
C GLY A 97 -11.43 -13.50 -6.20
N ASN A 98 -10.22 -13.48 -6.74
CA ASN A 98 -9.97 -13.34 -8.16
C ASN A 98 -10.28 -14.61 -8.99
N GLY A 99 -10.41 -15.76 -8.32
CA GLY A 99 -10.62 -17.02 -9.02
C GLY A 99 -9.50 -17.47 -9.94
N GLY A 100 -8.26 -17.19 -9.54
CA GLY A 100 -7.08 -17.63 -10.25
C GLY A 100 -6.01 -16.56 -10.20
N PHE A 101 -5.00 -16.75 -11.03
CA PHE A 101 -3.85 -15.91 -11.02
C PHE A 101 -4.18 -14.49 -11.49
N PHE A 102 -3.25 -13.57 -11.28
CA PHE A 102 -3.53 -12.16 -11.48
C PHE A 102 -3.34 -11.80 -12.95
N ASN A 103 -3.84 -10.61 -13.28
CA ASN A 103 -3.83 -10.04 -14.63
C ASN A 103 -3.62 -8.55 -14.40
N ALA A 104 -2.43 -8.04 -14.72
CA ALA A 104 -2.16 -6.63 -14.68
C ALA A 104 -1.82 -6.13 -16.09
N LYS A 105 -2.48 -5.07 -16.53
CA LYS A 105 -2.31 -4.54 -17.89
C LYS A 105 -1.08 -3.69 -17.96
N LYS A 106 -0.72 -3.06 -16.85
CA LYS A 106 0.50 -2.28 -16.81
C LYS A 106 1.59 -2.91 -15.92
N PRO A 107 2.90 -2.62 -16.24
CA PRO A 107 3.99 -2.98 -15.33
C PRO A 107 3.77 -2.40 -13.94
N LEU A 108 3.91 -3.26 -12.95
CA LEU A 108 3.74 -2.92 -11.54
C LEU A 108 5.10 -3.12 -10.90
N GLU A 109 5.51 -2.18 -10.05
CA GLU A 109 6.56 -2.36 -9.04
C GLU A 109 5.84 -2.61 -7.73
N LEU A 110 6.15 -3.71 -7.06
CA LEU A 110 5.52 -4.03 -5.83
C LEU A 110 6.63 -4.01 -4.81
N TYR A 111 6.42 -3.24 -3.76
CA TYR A 111 7.42 -3.03 -2.74
C TYR A 111 6.86 -3.66 -1.51
N LEU A 112 7.59 -4.62 -0.97
CA LEU A 112 7.05 -5.43 0.12
C LEU A 112 7.75 -5.17 1.45
N GLY A 113 8.51 -4.09 1.52
CA GLY A 113 9.12 -3.66 2.79
C GLY A 113 10.04 -4.72 3.32
N ASN A 114 9.74 -5.21 4.53
CA ASN A 114 10.53 -6.27 5.13
C ASN A 114 9.68 -7.50 5.30
N ALA A 115 8.63 -7.62 4.49
CA ALA A 115 7.68 -8.72 4.61
C ALA A 115 8.21 -10.04 3.94
N GLY A 116 9.20 -10.67 4.59
CA GLY A 116 9.79 -11.94 4.10
C GLY A 116 8.79 -13.04 3.76
N THR A 117 7.76 -13.17 4.60
CA THR A 117 6.71 -14.22 4.43
C THR A 117 5.70 -13.91 3.32
N ALA A 118 5.66 -12.66 2.84
CA ALA A 118 4.83 -12.32 1.67
C ALA A 118 5.61 -12.43 0.35
N MET A 119 6.91 -12.26 0.45
CA MET A 119 7.81 -11.99 -0.67
C MET A 119 7.87 -13.22 -1.59
N ARG A 120 8.11 -14.37 -0.98
CA ARG A 120 8.30 -15.57 -1.74
C ARG A 120 6.96 -16.06 -2.31
N PRO A 121 5.89 -16.12 -1.48
CA PRO A 121 4.64 -16.50 -2.06
C PRO A 121 4.20 -15.59 -3.22
N LEU A 122 4.36 -14.28 -3.08
CA LEU A 122 3.92 -13.38 -4.17
C LEU A 122 4.77 -13.58 -5.40
N CYS A 123 6.06 -13.75 -5.21
CA CYS A 123 6.94 -13.98 -6.35
C CYS A 123 6.48 -15.19 -7.17
N ALA A 124 6.10 -16.25 -6.48
CA ALA A 124 5.57 -17.43 -7.14
C ALA A 124 4.29 -17.13 -7.86
N ALA A 125 3.36 -16.45 -7.20
CA ALA A 125 2.05 -16.19 -7.85
C ALA A 125 2.19 -15.27 -9.03
N LEU A 126 3.08 -14.29 -8.90
CA LEU A 126 3.32 -13.36 -10.02
C LEU A 126 4.00 -14.07 -11.18
N ALA A 127 4.93 -14.99 -10.91
CA ALA A 127 5.53 -15.79 -12.01
C ALA A 127 4.48 -16.57 -12.82
N ALA A 128 3.38 -17.00 -12.17
CA ALA A 128 2.27 -17.69 -12.82
C ALA A 128 1.15 -16.78 -13.38
N SER A 129 1.29 -15.48 -13.23
CA SER A 129 0.22 -14.54 -13.54
C SER A 129 0.48 -13.97 -14.97
N GLU A 130 -0.42 -13.13 -15.48
CA GLU A 130 -0.18 -12.38 -16.73
C GLU A 130 0.17 -10.93 -16.42
N GLY A 131 1.32 -10.45 -16.89
CA GLY A 131 1.81 -9.12 -16.54
C GLY A 131 3.33 -9.12 -16.39
N GLU A 132 3.86 -7.95 -16.09
CA GLU A 132 5.26 -7.76 -15.90
C GLU A 132 5.45 -7.04 -14.57
N PHE A 133 6.31 -7.55 -13.69
CA PHE A 133 6.30 -7.10 -12.33
C PHE A 133 7.69 -6.92 -11.89
N ILE A 134 7.89 -5.93 -11.02
CA ILE A 134 9.16 -5.81 -10.33
C ILE A 134 8.86 -5.99 -8.89
N LEU A 135 9.62 -6.87 -8.26
CA LEU A 135 9.40 -7.19 -6.89
C LEU A 135 10.64 -6.78 -6.06
N THR A 136 10.43 -5.87 -5.12
CA THR A 136 11.51 -5.32 -4.31
C THR A 136 11.08 -5.06 -2.84
N GLY A 137 11.97 -4.49 -2.03
CA GLY A 137 11.66 -4.15 -0.65
C GLY A 137 12.77 -3.29 -0.01
N GLU A 138 12.79 -3.26 1.32
CA GLU A 138 13.81 -2.52 2.08
C GLU A 138 15.15 -3.17 1.92
N PRO A 139 16.25 -2.42 2.15
CA PRO A 139 17.61 -3.00 2.13
C PRO A 139 17.76 -4.31 2.91
N ARG A 140 17.04 -4.45 4.01
CA ARG A 140 17.03 -5.72 4.77
C ARG A 140 16.53 -6.91 3.93
N MET A 141 15.44 -6.72 3.20
CA MET A 141 14.94 -7.78 2.30
C MET A 141 15.89 -8.09 1.15
N LYS A 142 16.53 -7.05 0.60
CA LYS A 142 17.53 -7.23 -0.47
C LYS A 142 18.79 -8.03 -0.06
N GLU A 143 18.99 -8.26 1.23
CA GLU A 143 20.07 -9.14 1.72
C GLU A 143 19.60 -10.55 2.04
N ARG A 144 18.31 -10.84 1.85
CA ARG A 144 17.77 -12.17 2.10
C ARG A 144 17.81 -12.93 0.78
N PRO A 145 18.55 -14.05 0.71
CA PRO A 145 18.62 -14.72 -0.60
C PRO A 145 17.30 -15.33 -1.08
N ILE A 146 17.13 -15.35 -2.39
CA ILE A 146 15.93 -15.85 -3.04
C ILE A 146 16.25 -16.89 -4.14
N GLY A 147 17.49 -17.37 -4.17
CA GLY A 147 17.99 -18.21 -5.28
C GLY A 147 17.34 -19.56 -5.37
N HIS A 148 17.04 -20.17 -4.22
CA HIS A 148 16.34 -21.44 -4.26
C HIS A 148 14.92 -21.34 -4.85
N LEU A 149 14.18 -20.29 -4.49
CA LEU A 149 12.87 -20.02 -5.05
C LEU A 149 12.95 -19.81 -6.55
N VAL A 150 13.96 -19.05 -6.93
CA VAL A 150 14.11 -18.66 -8.33
C VAL A 150 14.49 -19.89 -9.14
N ASP A 151 15.39 -20.71 -8.63
CA ASP A 151 15.71 -21.97 -9.31
C ASP A 151 14.47 -22.91 -9.40
N ALA A 152 13.70 -23.04 -8.32
CA ALA A 152 12.50 -23.86 -8.41
C ALA A 152 11.49 -23.30 -9.39
N LEU A 153 11.35 -21.96 -9.44
CA LEU A 153 10.38 -21.36 -10.37
C LEU A 153 10.85 -21.52 -11.85
N ALA A 154 12.17 -21.53 -12.05
CA ALA A 154 12.74 -21.78 -13.38
C ALA A 154 12.43 -23.21 -13.83
N GLN A 155 12.44 -24.17 -12.92
CA GLN A 155 11.98 -25.51 -13.26
C GLN A 155 10.50 -25.60 -13.66
N LEU A 156 9.67 -24.66 -13.23
CA LEU A 156 8.29 -24.51 -13.70
C LEU A 156 8.14 -23.67 -14.96
N ASP A 157 9.27 -23.35 -15.61
CA ASP A 157 9.31 -22.48 -16.81
C ASP A 157 9.14 -20.94 -16.61
N ALA A 158 9.44 -20.42 -15.42
CA ALA A 158 9.16 -19.03 -15.09
C ALA A 158 10.19 -18.18 -15.73
N ASP A 159 9.91 -16.88 -15.90
CA ASP A 159 10.83 -15.90 -16.51
C ASP A 159 11.10 -14.75 -15.52
N ILE A 160 12.22 -14.87 -14.85
CA ILE A 160 12.60 -14.05 -13.74
C ILE A 160 14.04 -13.60 -13.94
N GLU A 161 14.32 -12.34 -13.68
CA GLU A 161 15.69 -11.82 -13.87
C GLU A 161 16.10 -11.01 -12.66
N TYR A 162 17.31 -11.22 -12.19
CA TYR A 162 17.89 -10.40 -11.10
C TYR A 162 18.28 -9.01 -11.63
N LEU A 163 17.77 -7.97 -11.01
CA LEU A 163 18.05 -6.61 -11.46
C LEU A 163 19.29 -6.01 -10.80
N GLU A 164 19.78 -6.55 -9.69
CA GLU A 164 20.94 -5.96 -8.96
C GLU A 164 22.03 -6.97 -8.66
N ASN A 165 21.76 -7.91 -7.77
CA ASN A 165 22.69 -8.91 -7.36
C ASN A 165 22.05 -10.26 -7.59
N LYS A 166 22.82 -11.13 -8.24
CA LYS A 166 22.53 -12.55 -8.40
C LYS A 166 22.08 -13.20 -7.08
N ASP A 167 20.94 -13.88 -7.13
CA ASP A 167 20.34 -14.62 -6.00
C ASP A 167 19.71 -13.77 -4.91
N TYR A 168 19.44 -12.49 -5.20
CA TYR A 168 18.85 -11.58 -4.23
C TYR A 168 17.75 -10.79 -4.89
N PRO A 169 16.75 -10.36 -4.12
CA PRO A 169 15.86 -9.35 -4.75
C PRO A 169 16.70 -8.10 -4.96
N PRO A 170 16.29 -7.21 -5.83
CA PRO A 170 14.99 -7.24 -6.49
C PRO A 170 15.02 -8.04 -7.79
N VAL A 171 13.83 -8.45 -8.22
CA VAL A 171 13.69 -9.28 -9.41
C VAL A 171 12.68 -8.65 -10.34
N LYS A 172 12.83 -8.95 -11.62
CA LYS A 172 11.83 -8.64 -12.61
C LYS A 172 11.20 -9.94 -13.05
N ILE A 173 9.89 -9.96 -13.11
CA ILE A 173 9.16 -11.19 -13.42
C ILE A 173 8.26 -10.93 -14.60
N LYS A 174 8.41 -11.74 -15.67
CA LYS A 174 7.41 -11.77 -16.73
C LYS A 174 6.56 -13.02 -16.57
N GLY A 175 5.33 -12.81 -16.17
CA GLY A 175 4.39 -13.87 -15.93
C GLY A 175 4.11 -14.76 -17.14
N LYS A 176 4.03 -16.06 -16.89
CA LYS A 176 3.76 -17.09 -17.88
C LYS A 176 2.84 -18.17 -17.31
N ALA A 177 2.28 -18.98 -18.20
CA ALA A 177 1.57 -20.17 -17.79
C ALA A 177 2.71 -21.11 -17.41
N LEU A 178 2.80 -21.48 -16.15
CA LEU A 178 3.93 -22.30 -15.70
C LEU A 178 3.53 -23.77 -15.93
N THR A 179 4.51 -24.62 -16.07
CA THR A 179 4.28 -26.04 -16.30
C THR A 179 4.99 -26.74 -15.20
N GLY A 180 4.26 -27.61 -14.53
CA GLY A 180 4.69 -28.26 -13.34
C GLY A 180 5.58 -29.42 -13.65
N ASN A 181 5.02 -30.61 -13.62
CA ASN A 181 5.79 -31.82 -13.80
C ASN A 181 6.84 -31.90 -12.71
N THR A 182 8.04 -32.38 -12.99
CA THR A 182 8.93 -32.74 -11.92
C THR A 182 9.78 -31.57 -11.53
N VAL A 183 9.76 -31.23 -10.22
CA VAL A 183 10.53 -30.16 -9.61
C VAL A 183 11.41 -30.82 -8.55
N THR A 184 12.72 -30.74 -8.71
CA THR A 184 13.69 -31.38 -7.80
C THR A 184 14.38 -30.28 -7.01
N ILE A 185 14.40 -30.37 -5.68
CA ILE A 185 14.74 -29.19 -4.86
C ILE A 185 15.55 -29.59 -3.60
N ASP A 186 16.33 -28.66 -3.05
CA ASP A 186 17.13 -28.96 -1.85
C ASP A 186 16.51 -28.27 -0.62
N GLY A 187 16.13 -29.08 0.35
CA GLY A 187 15.38 -28.62 1.50
C GLY A 187 16.17 -28.49 2.78
N SER A 188 17.47 -28.81 2.74
CA SER A 188 18.38 -28.34 3.78
C SER A 188 18.63 -26.85 3.46
N ILE A 189 19.14 -26.13 4.44
CA ILE A 189 19.28 -24.65 4.43
C ILE A 189 17.97 -23.84 4.57
N SER A 190 17.00 -23.95 3.65
CA SER A 190 15.73 -23.17 3.71
C SER A 190 14.55 -24.00 3.18
N SER A 191 13.40 -23.82 3.81
CA SER A 191 12.13 -24.41 3.41
C SER A 191 11.06 -23.37 3.04
N GLN A 192 11.34 -22.07 3.31
CA GLN A 192 10.41 -20.95 2.96
C GLN A 192 9.97 -20.93 1.48
N PHE A 193 10.95 -21.20 0.59
CA PHE A 193 10.58 -21.27 -0.80
C PHE A 193 9.61 -22.37 -1.16
N LEU A 194 9.66 -23.53 -0.49
CA LEU A 194 8.77 -24.64 -0.82
C LEU A 194 7.32 -24.24 -0.61
N THR A 195 7.09 -23.52 0.49
CA THR A 195 5.78 -22.99 0.84
C THR A 195 5.13 -22.20 -0.32
N ALA A 196 5.93 -21.38 -0.95
CA ALA A 196 5.52 -20.58 -2.11
C ALA A 196 5.12 -21.46 -3.30
N ILE A 197 5.93 -22.50 -3.55
CA ILE A 197 5.68 -23.44 -4.65
C ILE A 197 4.43 -24.29 -4.38
N LEU A 198 4.28 -24.72 -3.12
CA LEU A 198 3.08 -25.50 -2.74
C LEU A 198 1.80 -24.73 -2.90
N MET A 199 1.83 -23.42 -2.61
CA MET A 199 0.65 -22.57 -2.79
C MET A 199 0.14 -22.38 -4.22
N ILE A 200 1.05 -22.28 -5.18
CA ILE A 200 0.69 -22.04 -6.56
C ILE A 200 0.50 -23.31 -7.36
N ALA A 201 1.26 -24.35 -7.02
CA ALA A 201 1.28 -25.55 -7.85
C ALA A 201 -0.10 -26.21 -8.15
N PRO A 202 -1.04 -26.25 -7.20
CA PRO A 202 -2.39 -26.81 -7.45
C PRO A 202 -3.22 -26.08 -8.49
N LEU A 203 -2.89 -24.81 -8.71
CA LEU A 203 -3.59 -23.97 -9.61
C LEU A 203 -3.07 -24.05 -11.05
N LEU A 204 -1.96 -24.75 -11.29
CA LEU A 204 -1.39 -24.83 -12.62
C LEU A 204 -2.21 -25.75 -13.42
N GLU A 205 -2.03 -25.72 -14.75
CA GLU A 205 -2.74 -26.65 -15.64
C GLU A 205 -2.25 -28.13 -15.60
N THR A 206 -1.02 -28.38 -15.18
CA THR A 206 -0.43 -29.71 -15.16
C THR A 206 -0.38 -30.21 -13.71
N ASN A 207 -0.09 -31.48 -13.54
CA ASN A 207 0.22 -32.04 -12.20
C ASN A 207 1.67 -31.75 -11.96
N THR A 208 2.06 -31.77 -10.68
CA THR A 208 3.42 -31.48 -10.24
C THR A 208 3.86 -32.50 -9.23
N THR A 209 5.09 -32.97 -9.39
CA THR A 209 5.73 -33.79 -8.38
C THR A 209 6.90 -32.98 -7.83
N ILE A 210 6.92 -32.72 -6.54
CA ILE A 210 8.04 -32.01 -5.93
C ILE A 210 8.87 -33.02 -5.12
N GLU A 211 10.16 -33.11 -5.46
CA GLU A 211 11.11 -34.05 -4.87
C GLU A 211 12.13 -33.26 -4.09
N ILE A 212 12.38 -33.67 -2.84
CA ILE A 212 13.26 -32.94 -1.96
C ILE A 212 14.52 -33.79 -1.82
N ASP A 213 15.69 -33.22 -2.13
CA ASP A 213 16.99 -33.94 -1.98
C ASP A 213 17.29 -34.31 -0.51
N GLY A 214 17.57 -33.32 0.31
CA GLY A 214 18.12 -33.57 1.63
C GLY A 214 17.03 -33.87 2.62
N GLU A 215 17.35 -33.59 3.88
CA GLU A 215 16.34 -33.53 4.91
C GLU A 215 15.86 -32.08 4.88
N LEU A 216 14.56 -31.92 5.03
CA LEU A 216 13.92 -30.62 4.87
C LEU A 216 13.93 -29.95 6.21
N VAL A 217 14.44 -28.71 6.30
CA VAL A 217 14.28 -27.90 7.50
C VAL A 217 12.85 -27.33 7.65
N SER A 218 12.55 -26.84 8.84
CA SER A 218 11.31 -26.13 9.16
C SER A 218 10.04 -26.83 8.72
N LYS A 219 9.91 -28.09 9.07
CA LYS A 219 8.70 -28.82 8.79
C LYS A 219 7.37 -28.12 9.18
N PRO A 220 7.29 -27.49 10.36
CA PRO A 220 6.01 -26.88 10.76
C PRO A 220 5.61 -25.77 9.85
N TYR A 221 6.57 -25.09 9.25
CA TYR A 221 6.26 -24.08 8.27
C TYR A 221 5.51 -24.66 7.07
N ILE A 222 5.93 -25.85 6.62
CA ILE A 222 5.20 -26.57 5.56
C ILE A 222 3.84 -27.05 6.06
N ASP A 223 3.80 -27.57 7.28
CA ASP A 223 2.54 -28.06 7.83
C ASP A 223 1.50 -26.95 7.89
N ILE A 224 1.88 -25.76 8.31
CA ILE A 224 0.92 -24.61 8.38
C ILE A 224 0.34 -24.26 7.03
N THR A 225 1.23 -24.18 6.05
CA THR A 225 0.83 -23.92 4.70
C THR A 225 -0.12 -24.98 4.17
N LEU A 226 0.23 -26.27 4.31
CA LEU A 226 -0.69 -27.32 3.79
C LEU A 226 -1.98 -27.35 4.54
N ASP A 227 -1.96 -26.98 5.81
CA ASP A 227 -3.15 -26.93 6.62
C ASP A 227 -4.09 -25.80 6.15
N ILE A 228 -3.58 -24.56 6.01
CA ILE A 228 -4.47 -23.48 5.48
C ILE A 228 -5.02 -23.80 4.05
N MET A 229 -4.18 -24.29 3.14
CA MET A 229 -4.64 -24.77 1.83
C MET A 229 -5.79 -25.78 1.85
N ARG A 230 -5.69 -26.77 2.72
CA ARG A 230 -6.76 -27.76 2.96
C ARG A 230 -8.08 -27.09 3.40
N ARG A 231 -8.00 -26.08 4.26
CA ARG A 231 -9.17 -25.31 4.68
C ARG A 231 -9.75 -24.52 3.54
N PHE A 232 -8.94 -24.10 2.57
CA PHE A 232 -9.50 -23.48 1.41
C PHE A 232 -9.78 -24.46 0.26
N ASN A 233 -9.96 -25.73 0.60
CA ASN A 233 -10.38 -26.80 -0.33
C ASN A 233 -9.31 -27.38 -1.30
N VAL A 234 -8.02 -27.19 -0.98
CA VAL A 234 -6.94 -27.65 -1.83
C VAL A 234 -6.04 -28.59 -1.08
N SER A 235 -5.88 -29.77 -1.69
CA SER A 235 -5.16 -30.87 -1.11
C SER A 235 -3.89 -31.12 -1.85
N VAL A 236 -2.85 -31.43 -1.07
CA VAL A 236 -1.59 -31.89 -1.59
C VAL A 236 -1.22 -33.12 -0.77
N GLN A 237 -0.65 -34.15 -1.38
CA GLN A 237 -0.15 -35.30 -0.61
C GLN A 237 1.30 -35.08 -0.18
N ASN A 238 1.56 -35.26 1.09
CA ASN A 238 2.89 -35.08 1.63
C ASN A 238 3.44 -36.48 1.95
N ASN A 239 4.45 -36.92 1.20
CA ASN A 239 5.15 -38.19 1.48
C ASN A 239 6.36 -38.01 2.39
N ASP A 240 6.09 -37.84 3.69
CA ASP A 240 7.13 -37.70 4.71
C ASP A 240 8.16 -36.60 4.44
N TYR A 241 7.72 -35.51 3.80
CA TYR A 241 8.57 -34.40 3.42
C TYR A 241 9.71 -34.73 2.44
N LYS A 242 9.64 -35.88 1.77
CA LYS A 242 10.63 -36.25 0.76
C LYS A 242 10.11 -35.99 -0.61
N SER A 243 8.79 -36.08 -0.79
CA SER A 243 8.14 -35.67 -2.04
C SER A 243 6.75 -35.19 -1.76
N PHE A 244 6.24 -34.37 -2.68
CA PHE A 244 4.86 -33.84 -2.60
C PHE A 244 4.18 -34.12 -3.93
N ILE A 245 2.99 -34.72 -3.87
CA ILE A 245 2.22 -34.97 -5.04
C ILE A 245 1.05 -33.97 -5.13
N VAL A 246 0.99 -33.27 -6.25
CA VAL A 246 0.02 -32.22 -6.45
C VAL A 246 -0.79 -32.47 -7.68
N ASN A 247 -2.13 -32.50 -7.54
CA ASN A 247 -3.04 -32.47 -8.68
C ASN A 247 -3.23 -31.00 -9.10
N GLY A 248 -3.08 -30.70 -10.40
CA GLY A 248 -3.36 -29.44 -10.99
C GLY A 248 -4.82 -29.19 -11.29
N LYS A 249 -5.12 -27.98 -11.77
CA LYS A 249 -6.47 -27.53 -12.10
C LYS A 249 -7.42 -27.45 -10.88
N GLN A 250 -6.84 -27.34 -9.69
CA GLN A 250 -7.58 -27.05 -8.47
C GLN A 250 -7.82 -25.55 -8.36
N SER A 251 -8.70 -25.20 -7.46
CA SER A 251 -9.12 -23.81 -7.27
C SER A 251 -9.41 -23.66 -5.79
N TYR A 252 -8.80 -22.63 -5.16
CA TYR A 252 -9.09 -22.38 -3.77
C TYR A 252 -10.57 -21.95 -3.68
N GLN A 253 -11.30 -22.38 -2.66
CA GLN A 253 -12.71 -21.92 -2.46
C GLN A 253 -12.74 -21.06 -1.21
N ALA A 254 -13.38 -19.91 -1.33
CA ALA A 254 -13.52 -18.98 -0.19
C ALA A 254 -14.21 -19.63 0.99
N LEU A 255 -13.80 -19.20 2.17
CA LEU A 255 -14.44 -19.54 3.40
C LEU A 255 -15.34 -18.39 3.86
N ASP A 256 -16.55 -18.71 4.28
CA ASP A 256 -17.40 -17.76 5.00
C ASP A 256 -16.60 -16.86 5.98
N LYS A 257 -15.90 -17.52 6.91
CA LYS A 257 -15.08 -16.85 7.95
C LYS A 257 -13.77 -17.66 8.07
N TYR A 258 -12.62 -16.98 8.10
CA TYR A 258 -11.35 -17.59 8.43
C TYR A 258 -10.62 -16.71 9.48
N MET A 259 -10.38 -17.25 10.65
CA MET A 259 -9.69 -16.51 11.70
C MET A 259 -8.21 -16.82 11.66
N VAL A 260 -7.38 -15.80 11.54
CA VAL A 260 -5.95 -15.95 11.55
C VAL A 260 -5.53 -16.28 13.00
N GLU A 261 -4.89 -17.42 13.16
CA GLU A 261 -4.30 -17.76 14.46
C GLU A 261 -3.25 -16.76 14.92
N GLY A 262 -3.20 -16.50 16.21
CA GLY A 262 -2.10 -15.76 16.79
C GLY A 262 -0.83 -16.55 16.69
N ASP A 263 0.29 -15.88 16.93
CA ASP A 263 1.58 -16.49 16.84
C ASP A 263 1.86 -17.31 18.08
N ALA A 264 2.20 -18.59 17.91
CA ALA A 264 2.41 -19.46 19.05
C ALA A 264 3.63 -19.01 19.87
N SER A 265 4.66 -18.48 19.24
CA SER A 265 5.81 -17.93 19.97
C SER A 265 5.39 -16.77 20.93
N SER A 266 4.48 -15.92 20.47
CA SER A 266 3.94 -14.83 21.31
C SER A 266 3.13 -15.30 22.47
N ALA A 267 2.40 -16.43 22.28
CA ALA A 267 1.67 -17.04 23.33
C ALA A 267 2.60 -17.44 24.48
N SER A 268 3.82 -17.91 24.15
CA SER A 268 4.77 -18.41 25.19
C SER A 268 4.96 -17.54 26.47
N TYR A 269 5.09 -16.22 26.28
CA TYR A 269 5.32 -15.25 27.35
C TYR A 269 4.16 -15.19 28.33
N PHE A 270 2.95 -15.18 27.82
CA PHE A 270 1.76 -15.14 28.65
C PHE A 270 1.45 -16.48 29.32
N LEU A 271 1.70 -17.60 28.62
CA LEU A 271 1.62 -18.96 29.23
C LEU A 271 2.62 -19.16 30.34
N ALA A 272 3.84 -18.68 30.12
CA ALA A 272 4.86 -18.73 31.18
C ALA A 272 4.48 -17.85 32.37
N ALA A 273 4.01 -16.61 32.14
CA ALA A 273 3.59 -15.75 33.24
C ALA A 273 2.50 -16.36 34.10
N GLY A 274 1.49 -16.94 33.43
CA GLY A 274 0.42 -17.71 34.08
C GLY A 274 0.88 -18.93 34.86
N ALA A 275 1.85 -19.66 34.35
CA ALA A 275 2.38 -20.82 35.07
C ALA A 275 3.14 -20.39 36.28
N ILE A 276 3.89 -19.28 36.17
CA ILE A 276 4.75 -18.80 37.27
C ILE A 276 3.94 -18.16 38.40
N LYS A 277 3.00 -17.27 38.04
CA LYS A 277 2.35 -16.37 38.98
C LYS A 277 0.83 -16.43 38.93
N GLY A 278 0.21 -17.35 38.22
CA GLY A 278 -1.22 -17.42 38.15
C GLY A 278 -1.77 -17.97 39.46
N GLY A 279 -3.07 -17.92 39.68
CA GLY A 279 -4.05 -17.40 38.77
C GLY A 279 -4.28 -18.28 37.56
N GLU A 280 -5.13 -17.79 36.67
CA GLU A 280 -5.52 -18.49 35.44
C GLU A 280 -5.39 -17.49 34.30
N VAL A 281 -4.69 -17.87 33.22
CA VAL A 281 -4.65 -17.07 32.05
C VAL A 281 -5.17 -17.89 30.90
N THR A 282 -6.02 -17.27 30.10
CA THR A 282 -6.48 -17.81 28.84
C THR A 282 -5.94 -16.94 27.67
N VAL A 283 -5.15 -17.52 26.78
CA VAL A 283 -4.61 -16.83 25.59
C VAL A 283 -5.51 -17.23 24.43
N HIS A 284 -6.16 -16.25 23.80
CA HIS A 284 -7.04 -16.48 22.66
C HIS A 284 -6.30 -16.24 21.39
N GLY A 285 -6.65 -17.04 20.40
CA GLY A 285 -5.98 -16.94 19.11
C GLY A 285 -5.26 -18.17 18.65
N ILE A 286 -4.93 -19.06 19.58
CA ILE A 286 -4.33 -20.30 19.23
C ILE A 286 -5.02 -21.43 19.99
N GLY A 287 -5.42 -22.46 19.24
CA GLY A 287 -6.17 -23.57 19.83
C GLY A 287 -5.76 -24.92 19.33
N LYS A 288 -6.68 -25.83 19.52
CA LYS A 288 -6.39 -27.24 19.51
C LYS A 288 -6.03 -27.73 18.10
N LEU A 289 -6.58 -27.14 17.05
CA LEU A 289 -6.29 -27.57 15.67
C LEU A 289 -5.10 -26.86 15.03
N SER A 290 -4.48 -25.91 15.73
CA SER A 290 -3.21 -25.33 15.24
C SER A 290 -2.09 -26.37 14.97
N VAL A 291 -1.34 -26.13 13.90
CA VAL A 291 -0.18 -26.91 13.60
C VAL A 291 1.11 -26.08 13.66
N GLN A 292 1.05 -24.91 14.29
CA GLN A 292 2.28 -24.13 14.47
C GLN A 292 3.31 -24.89 15.35
N GLY A 293 4.60 -24.72 15.04
CA GLY A 293 5.64 -25.47 15.72
C GLY A 293 5.75 -25.16 17.21
N ASP A 294 5.65 -23.88 17.56
CA ASP A 294 5.87 -23.43 18.93
C ASP A 294 4.70 -23.75 19.84
N LYS A 295 3.65 -24.37 19.32
CA LYS A 295 2.64 -25.03 20.14
C LYS A 295 3.25 -26.05 21.08
N HIS A 296 4.40 -26.67 20.71
CA HIS A 296 5.14 -27.57 21.62
C HIS A 296 5.68 -26.92 22.89
N PHE A 297 5.68 -25.60 22.97
CA PHE A 297 6.07 -24.93 24.19
C PHE A 297 5.26 -25.32 25.42
N ALA A 298 3.94 -25.47 25.24
CA ALA A 298 3.03 -25.85 26.32
C ALA A 298 3.41 -27.18 27.06
N ASP A 299 3.91 -28.12 26.29
CA ASP A 299 4.47 -29.36 26.82
C ASP A 299 5.62 -29.20 27.73
N VAL A 300 6.54 -28.27 27.42
CA VAL A 300 7.60 -27.96 28.38
C VAL A 300 7.01 -27.39 29.67
N LEU A 301 6.05 -26.45 29.60
CA LEU A 301 5.51 -25.90 30.86
C LEU A 301 4.81 -27.02 31.63
N GLU A 302 4.12 -27.93 30.94
CA GLU A 302 3.50 -29.11 31.62
C GLU A 302 4.56 -29.99 32.34
N LYS A 303 5.64 -30.35 31.67
CA LYS A 303 6.72 -31.09 32.33
C LYS A 303 7.27 -30.34 33.53
N MET A 304 7.21 -28.99 33.54
CA MET A 304 7.63 -28.22 34.69
C MET A 304 6.63 -28.18 35.85
N GLY A 305 5.39 -28.61 35.60
CA GLY A 305 4.34 -28.74 36.60
C GLY A 305 3.09 -27.93 36.29
N ALA A 306 3.10 -27.09 35.25
CA ALA A 306 1.94 -26.24 34.95
C ALA A 306 0.78 -27.07 34.44
N GLU A 307 -0.41 -26.54 34.60
CA GLU A 307 -1.63 -27.20 34.14
C GLU A 307 -2.08 -26.42 32.94
N ILE A 308 -2.32 -27.14 31.84
CA ILE A 308 -2.64 -26.61 30.54
C ILE A 308 -3.92 -27.26 30.02
N HIS A 309 -4.80 -26.49 29.40
CA HIS A 309 -6.06 -26.96 28.78
C HIS A 309 -6.18 -26.31 27.43
N TRP A 310 -6.15 -27.13 26.39
CA TRP A 310 -6.27 -26.68 25.00
C TRP A 310 -7.75 -26.60 24.68
N LYS A 311 -8.20 -25.53 24.07
CA LYS A 311 -9.60 -25.38 23.68
C LYS A 311 -9.64 -25.00 22.19
N ASP A 312 -10.82 -24.73 21.67
CA ASP A 312 -11.01 -24.56 20.23
C ASP A 312 -10.19 -23.43 19.65
N GLU A 313 -10.22 -22.29 20.30
CA GLU A 313 -9.47 -21.15 19.82
C GLU A 313 -8.63 -20.51 20.91
N SER A 314 -8.30 -21.24 21.97
CA SER A 314 -7.52 -20.66 23.07
C SER A 314 -6.83 -21.77 23.84
N ILE A 315 -5.92 -21.36 24.69
CA ILE A 315 -5.29 -22.21 25.64
C ILE A 315 -5.27 -21.52 26.98
N THR A 316 -5.53 -22.29 28.02
CA THR A 316 -5.60 -21.85 29.42
C THR A 316 -4.43 -22.49 30.20
N VAL A 317 -3.76 -21.68 31.00
CA VAL A 317 -2.76 -22.16 31.90
C VAL A 317 -3.20 -21.79 33.35
N ILE A 318 -2.91 -22.70 34.27
CA ILE A 318 -3.17 -22.45 35.68
C ILE A 318 -1.85 -22.59 36.43
N GLY A 319 -1.54 -21.60 37.26
CA GLY A 319 -0.27 -21.52 37.96
C GLY A 319 -0.08 -22.64 38.95
N LYS A 320 1.11 -23.18 39.00
CA LYS A 320 1.51 -24.28 39.85
C LYS A 320 2.98 -24.04 40.22
N PRO A 321 3.45 -24.64 41.34
CA PRO A 321 4.90 -24.63 41.60
C PRO A 321 5.63 -25.36 40.48
N LEU A 322 6.73 -24.80 40.00
CA LEU A 322 7.47 -25.37 38.87
C LEU A 322 8.77 -26.02 39.28
N THR A 323 9.14 -27.04 38.57
CA THR A 323 10.36 -27.82 38.78
C THR A 323 11.14 -27.73 37.48
N ALA A 324 12.45 -27.56 37.60
CA ALA A 324 13.38 -27.54 36.45
C ALA A 324 13.30 -28.78 35.55
N VAL A 325 13.64 -28.61 34.28
CA VAL A 325 13.67 -29.70 33.35
C VAL A 325 15.03 -29.67 32.66
N ASP A 326 15.35 -30.79 32.03
CA ASP A 326 16.54 -30.97 31.19
C ASP A 326 16.04 -31.62 29.90
N MET A 327 15.91 -30.84 28.85
CA MET A 327 15.21 -31.28 27.66
C MET A 327 15.80 -30.68 26.41
N ASP A 328 15.68 -31.41 25.30
CA ASP A 328 16.02 -30.97 23.96
C ASP A 328 14.92 -30.01 23.43
N MET A 329 15.30 -28.85 22.93
CA MET A 329 14.28 -27.89 22.48
C MET A 329 14.57 -27.38 21.10
N ASN A 330 15.22 -28.25 20.35
CA ASN A 330 15.58 -28.02 18.95
C ASN A 330 14.36 -27.68 18.07
N HIS A 331 13.23 -28.26 18.42
CA HIS A 331 12.02 -28.08 17.66
C HIS A 331 11.30 -26.79 17.92
N ILE A 332 11.66 -26.06 18.98
CA ILE A 332 11.01 -24.80 19.36
C ILE A 332 12.00 -23.71 19.85
N PRO A 333 12.95 -23.34 19.01
CA PRO A 333 14.00 -22.45 19.49
C PRO A 333 13.54 -21.02 19.91
N ASP A 334 12.56 -20.42 19.20
CA ASP A 334 12.06 -19.10 19.63
C ASP A 334 11.38 -19.15 20.99
N ALA A 335 10.42 -20.05 21.16
CA ALA A 335 9.76 -20.17 22.44
C ALA A 335 10.62 -20.76 23.55
N ALA A 336 11.63 -21.54 23.17
CA ALA A 336 12.56 -22.01 24.16
C ALA A 336 13.20 -20.91 24.96
N MET A 337 13.40 -19.74 24.35
CA MET A 337 14.01 -18.60 25.08
C MET A 337 13.18 -18.25 26.33
N THR A 338 11.87 -18.40 26.21
CA THR A 338 10.96 -18.14 27.29
C THR A 338 11.23 -19.02 28.50
N ILE A 339 11.57 -20.26 28.21
CA ILE A 339 12.00 -21.22 29.25
C ILE A 339 13.23 -20.78 30.03
N ALA A 340 14.15 -20.05 29.39
CA ALA A 340 15.33 -19.59 30.14
C ALA A 340 15.01 -18.63 31.30
N THR A 341 14.02 -17.73 31.13
CA THR A 341 13.59 -16.84 32.22
C THR A 341 12.59 -17.49 33.16
N THR A 342 11.77 -18.38 32.63
CA THR A 342 10.88 -19.20 33.48
C THR A 342 11.66 -20.06 34.46
N ALA A 343 12.83 -20.51 34.06
CA ALA A 343 13.76 -21.27 34.92
C ALA A 343 14.18 -20.55 36.18
N LEU A 344 14.13 -19.22 36.18
CA LEU A 344 14.39 -18.40 37.34
C LEU A 344 13.38 -18.68 38.45
N PHE A 345 12.23 -19.26 38.12
CA PHE A 345 11.18 -19.50 39.09
C PHE A 345 10.98 -20.98 39.40
N ALA A 346 11.84 -21.81 38.86
CA ALA A 346 11.66 -23.24 38.99
C ALA A 346 12.66 -23.73 40.04
N THR A 347 12.30 -24.82 40.70
CA THR A 347 13.21 -25.48 41.65
C THR A 347 14.18 -26.39 40.91
N GLY A 348 15.48 -26.11 41.07
CA GLY A 348 16.53 -26.96 40.50
C GLY A 348 17.17 -26.21 39.33
N THR A 349 18.02 -26.91 38.60
CA THR A 349 18.82 -26.33 37.54
C THR A 349 18.18 -26.75 36.25
N THR A 350 17.77 -25.78 35.44
CA THR A 350 17.17 -26.08 34.13
C THR A 350 18.23 -26.11 33.04
N THR A 351 18.19 -27.13 32.17
CA THR A 351 19.09 -27.21 30.99
C THR A 351 18.30 -27.31 29.69
N ILE A 352 18.62 -26.43 28.75
CA ILE A 352 17.93 -26.37 27.47
C ILE A 352 18.96 -26.86 26.48
N ARG A 353 18.67 -27.93 25.76
CA ARG A 353 19.63 -28.58 24.92
C ARG A 353 19.28 -28.49 23.46
N ASN A 354 20.31 -28.55 22.62
CA ASN A 354 20.14 -28.63 21.16
C ASN A 354 19.58 -27.33 20.51
N ILE A 355 20.09 -26.19 20.99
CA ILE A 355 19.60 -24.87 20.59
C ILE A 355 20.70 -24.06 19.88
N TYR A 356 21.50 -24.74 19.08
CA TYR A 356 22.47 -24.05 18.21
C TYR A 356 21.83 -22.98 17.34
N ASN A 357 20.59 -23.14 16.95
CA ASN A 357 19.87 -22.08 16.21
C ASN A 357 19.92 -20.71 16.88
N TRP A 358 20.01 -20.68 18.20
CA TRP A 358 20.09 -19.40 18.89
C TRP A 358 21.32 -18.64 18.47
N ARG A 359 22.42 -19.33 18.14
CA ARG A 359 23.68 -18.67 17.81
C ARG A 359 23.75 -18.07 16.44
N VAL A 360 22.87 -18.48 15.52
CA VAL A 360 22.98 -17.99 14.14
C VAL A 360 22.05 -16.81 13.83
N LYS A 361 21.33 -16.28 14.82
CA LYS A 361 20.50 -15.06 14.61
C LYS A 361 21.37 -13.80 14.46
N GLU A 362 20.72 -12.69 14.13
CA GLU A 362 21.38 -11.38 14.04
C GLU A 362 22.42 -11.20 15.17
N THR A 363 21.97 -11.41 16.39
CA THR A 363 22.82 -11.40 17.60
C THR A 363 22.78 -12.82 18.12
N ASP A 364 23.85 -13.25 18.78
CA ASP A 364 23.93 -14.59 19.34
C ASP A 364 23.05 -14.62 20.55
N ARG A 365 21.86 -15.21 20.41
CA ARG A 365 20.91 -15.24 21.51
C ARG A 365 21.35 -16.10 22.67
N LEU A 366 22.22 -17.07 22.47
CA LEU A 366 22.72 -17.90 23.57
C LEU A 366 23.59 -17.09 24.53
N ASN A 367 24.56 -16.39 23.99
CA ASN A 367 25.36 -15.53 24.85
C ASN A 367 24.57 -14.35 25.39
N ALA A 368 23.65 -13.81 24.62
CA ALA A 368 22.87 -12.66 25.04
C ALA A 368 22.00 -13.04 26.23
N MET A 369 21.25 -14.12 26.11
CA MET A 369 20.48 -14.61 27.26
C MET A 369 21.34 -14.93 28.50
N ALA A 370 22.46 -15.58 28.29
CA ALA A 370 23.33 -15.88 29.39
C ALA A 370 23.83 -14.61 30.07
N THR A 371 24.19 -13.59 29.33
CA THR A 371 24.77 -12.39 29.91
C THR A 371 23.75 -11.67 30.79
N GLU A 372 22.52 -11.58 30.28
CA GLU A 372 21.44 -10.91 31.00
C GLU A 372 20.95 -11.72 32.20
N LEU A 373 20.91 -13.03 32.08
CA LEU A 373 20.57 -13.93 33.19
C LEU A 373 21.52 -13.83 34.38
N ARG A 374 22.81 -13.72 34.11
CA ARG A 374 23.79 -13.54 35.18
C ARG A 374 23.55 -12.21 35.88
N LYS A 375 23.11 -11.18 35.16
CA LYS A 375 22.80 -9.85 35.80
C LYS A 375 21.68 -9.86 36.83
N VAL A 376 20.70 -10.76 36.68
CA VAL A 376 19.67 -10.95 37.71
C VAL A 376 20.07 -11.93 38.82
N GLY A 377 21.28 -12.49 38.74
CA GLY A 377 21.90 -13.34 39.78
C GLY A 377 21.86 -14.83 39.50
N ALA A 378 21.41 -15.29 38.31
CA ALA A 378 21.43 -16.75 38.03
C ALA A 378 22.82 -17.20 37.77
N GLU A 379 23.11 -18.46 38.09
CA GLU A 379 24.37 -19.10 37.70
C GLU A 379 24.05 -19.80 36.35
N VAL A 380 24.82 -19.44 35.31
CA VAL A 380 24.59 -19.92 33.97
C VAL A 380 25.86 -20.57 33.36
N VAL A 381 25.66 -21.71 32.73
CA VAL A 381 26.69 -22.41 32.00
C VAL A 381 26.29 -22.48 30.54
N GLU A 382 27.15 -21.98 29.67
CA GLU A 382 26.93 -21.98 28.23
C GLU A 382 27.84 -23.01 27.54
N GLY A 383 27.28 -23.90 26.72
CA GLY A 383 28.08 -24.76 25.82
C GLY A 383 27.78 -24.34 24.41
N LYS A 384 28.27 -25.11 23.45
CA LYS A 384 28.03 -24.84 22.02
C LYS A 384 26.53 -24.66 21.74
N ASP A 385 25.74 -25.59 22.24
CA ASP A 385 24.33 -25.69 21.90
C ASP A 385 23.43 -26.03 23.09
N TYR A 386 23.86 -25.66 24.31
CA TYR A 386 23.01 -25.76 25.47
C TYR A 386 23.29 -24.64 26.43
N ILE A 387 22.31 -24.43 27.32
CA ILE A 387 22.40 -23.44 28.35
C ILE A 387 21.80 -24.08 29.56
N SER A 388 22.49 -23.91 30.66
CA SER A 388 22.08 -24.45 31.92
C SER A 388 21.97 -23.34 32.98
N ILE A 389 20.82 -23.27 33.65
CA ILE A 389 20.47 -22.14 34.45
C ILE A 389 20.11 -22.56 35.87
N THR A 390 20.77 -21.99 36.87
CA THR A 390 20.46 -22.26 38.25
C THR A 390 20.01 -20.95 38.90
N PRO A 391 18.76 -20.87 39.34
CA PRO A 391 18.26 -19.59 39.91
C PRO A 391 18.95 -19.26 41.25
N PRO A 392 19.06 -17.98 41.60
CA PRO A 392 19.47 -17.57 42.94
C PRO A 392 18.33 -17.67 43.94
N LYS A 393 18.61 -17.40 45.20
CA LYS A 393 17.50 -17.36 46.19
C LYS A 393 16.60 -16.15 45.98
N SER A 394 17.20 -15.02 45.65
CA SER A 394 16.51 -13.79 45.39
C SER A 394 17.13 -13.21 44.12
N LEU A 395 16.29 -12.67 43.26
CA LEU A 395 16.76 -12.01 42.03
C LEU A 395 17.32 -10.63 42.33
N LYS A 396 18.30 -10.23 41.52
CA LYS A 396 18.91 -8.92 41.62
C LYS A 396 18.27 -8.00 40.61
N HIS A 397 18.25 -6.72 40.97
CA HIS A 397 17.74 -5.70 40.09
C HIS A 397 18.72 -5.47 38.94
N ALA A 398 18.25 -5.52 37.69
CA ALA A 398 19.13 -5.24 36.58
C ALA A 398 18.52 -4.40 35.47
N GLU A 399 19.42 -3.80 34.69
CA GLU A 399 19.14 -3.10 33.45
C GLU A 399 19.51 -4.07 32.35
N ILE A 400 18.50 -4.54 31.66
CA ILE A 400 18.63 -5.61 30.70
C ILE A 400 18.89 -5.02 29.31
N ASP A 401 20.06 -5.31 28.74
CA ASP A 401 20.32 -5.01 27.32
C ASP A 401 19.55 -5.97 26.43
N THR A 402 18.90 -5.44 25.39
CA THR A 402 18.02 -6.22 24.58
C THR A 402 18.56 -6.48 23.19
N TYR A 403 19.70 -5.89 22.82
CA TYR A 403 20.43 -6.28 21.61
C TYR A 403 19.58 -6.19 20.36
N ASN A 404 18.69 -5.20 20.29
CA ASN A 404 17.69 -5.09 19.23
C ASN A 404 16.82 -6.30 18.95
N ASP A 405 16.52 -7.10 19.97
CA ASP A 405 15.91 -8.41 19.76
C ASP A 405 14.68 -8.41 20.63
N HIS A 406 13.53 -8.35 19.95
CA HIS A 406 12.22 -8.39 20.56
C HIS A 406 12.07 -9.47 21.61
N ARG A 407 12.70 -10.63 21.42
CA ARG A 407 12.53 -11.78 22.30
C ARG A 407 13.24 -11.63 23.59
N VAL A 408 14.39 -10.96 23.57
CA VAL A 408 15.14 -10.75 24.78
C VAL A 408 14.32 -9.83 25.67
N ALA A 409 13.80 -8.74 25.12
CA ALA A 409 12.92 -7.87 25.95
C ALA A 409 11.72 -8.61 26.54
N MET A 410 11.05 -9.40 25.71
CA MET A 410 9.84 -10.07 26.19
C MET A 410 10.18 -11.16 27.22
N CYS A 411 11.24 -11.94 27.03
CA CYS A 411 11.65 -12.96 28.04
C CYS A 411 11.94 -12.37 29.40
N PHE A 412 12.63 -11.24 29.43
CA PHE A 412 13.08 -10.63 30.68
C PHE A 412 12.01 -9.80 31.37
N SER A 413 10.92 -9.53 30.69
CA SER A 413 9.74 -9.01 31.36
C SER A 413 9.27 -9.93 32.50
N LEU A 414 9.49 -11.24 32.38
CA LEU A 414 9.06 -12.18 33.38
C LEU A 414 9.81 -12.00 34.72
N VAL A 415 10.96 -11.33 34.72
CA VAL A 415 11.65 -11.06 35.95
C VAL A 415 10.78 -10.27 36.93
N ALA A 416 9.87 -9.40 36.43
CA ALA A 416 8.96 -8.66 37.27
C ALA A 416 7.93 -9.51 38.06
N LEU A 417 7.89 -10.81 37.78
CA LEU A 417 7.08 -11.73 38.55
C LEU A 417 7.79 -12.12 39.81
N SER A 418 9.04 -11.68 40.00
CA SER A 418 9.76 -11.81 41.26
C SER A 418 9.39 -10.73 42.28
N ASP A 419 10.16 -10.65 43.39
CA ASP A 419 10.07 -9.53 44.34
C ASP A 419 10.89 -8.30 43.93
N THR A 420 11.47 -8.33 42.73
CA THR A 420 12.40 -7.32 42.27
C THR A 420 11.90 -6.70 40.93
N PRO A 421 12.05 -5.37 40.77
CA PRO A 421 11.83 -4.76 39.49
C PRO A 421 12.90 -5.11 38.40
N VAL A 422 12.50 -4.97 37.16
CA VAL A 422 13.42 -5.17 36.06
C VAL A 422 13.38 -3.94 35.16
N THR A 423 14.54 -3.46 34.75
CA THR A 423 14.60 -2.37 33.81
C THR A 423 15.02 -2.94 32.45
N ILE A 424 14.18 -2.68 31.45
CA ILE A 424 14.42 -3.18 30.13
C ILE A 424 14.91 -2.01 29.24
N ASN A 425 16.12 -2.07 28.70
CA ASN A 425 16.65 -1.04 27.79
C ASN A 425 16.06 -1.27 26.42
N ASP A 426 15.76 -0.18 25.73
CA ASP A 426 15.24 -0.19 24.37
C ASP A 426 14.00 -1.06 24.19
N PRO A 427 13.00 -0.84 25.01
CA PRO A 427 11.78 -1.66 24.94
C PRO A 427 10.99 -1.54 23.63
N LYS A 428 11.26 -0.47 22.87
CA LYS A 428 10.68 -0.31 21.55
C LYS A 428 11.18 -1.29 20.50
N CYS A 429 12.20 -2.07 20.77
CA CYS A 429 12.57 -3.18 19.90
C CYS A 429 11.40 -4.20 19.73
N THR A 430 10.40 -4.16 20.59
CA THR A 430 9.17 -4.91 20.37
C THR A 430 8.20 -4.27 19.33
N ALA A 431 8.43 -3.01 18.95
CA ALA A 431 7.43 -2.20 18.19
C ALA A 431 6.97 -2.77 16.85
N LYS A 432 7.86 -3.50 16.17
CA LYS A 432 7.61 -4.00 14.80
C LYS A 432 6.96 -5.39 14.76
N THR A 433 7.15 -6.16 15.83
CA THR A 433 6.72 -7.56 15.93
C THR A 433 5.54 -7.80 16.91
N PHE A 434 5.49 -7.05 18.02
CA PHE A 434 4.41 -7.15 19.00
C PHE A 434 4.34 -5.82 19.80
N PRO A 435 3.84 -4.73 19.18
CA PRO A 435 3.89 -3.41 19.85
C PRO A 435 3.12 -3.26 21.18
N ASP A 436 2.04 -4.01 21.34
CA ASP A 436 1.22 -3.93 22.53
C ASP A 436 1.67 -4.92 23.64
N TYR A 437 2.90 -5.46 23.60
CA TYR A 437 3.25 -6.56 24.46
C TYR A 437 3.08 -6.11 25.85
N PHE A 438 3.73 -5.02 26.20
CA PHE A 438 3.79 -4.55 27.61
C PHE A 438 2.43 -4.13 28.18
N ASP A 439 1.60 -3.57 27.30
CA ASP A 439 0.23 -3.22 27.61
C ASP A 439 -0.57 -4.48 27.87
N LYS A 440 -0.36 -5.53 27.08
CA LYS A 440 -1.09 -6.77 27.35
C LYS A 440 -0.63 -7.40 28.64
N LEU A 441 0.66 -7.41 28.87
CA LEU A 441 1.14 -7.88 30.14
C LEU A 441 0.47 -7.11 31.30
N ALA A 442 0.39 -5.77 31.22
CA ALA A 442 -0.21 -5.03 32.33
C ALA A 442 -1.70 -5.38 32.50
N GLN A 443 -2.41 -5.73 31.42
CA GLN A 443 -3.82 -6.14 31.51
C GLN A 443 -4.05 -7.35 32.42
N VAL A 444 -3.08 -8.27 32.52
CA VAL A 444 -3.21 -9.46 33.35
C VAL A 444 -2.43 -9.38 34.66
N SER A 445 -1.78 -8.25 34.94
CA SER A 445 -1.03 -8.02 36.18
C SER A 445 -1.94 -7.41 37.23
N CYS A 446 -2.03 -8.05 38.38
CA CYS A 446 -2.82 -7.56 39.53
C CYS A 446 -1.82 -7.30 40.67
N MET B 21 8.86 38.23 -3.26
CA MET B 21 8.90 37.79 -1.80
C MET B 21 7.65 38.28 -1.01
N GLU B 22 7.01 37.34 -0.35
CA GLU B 22 5.86 37.58 0.53
C GLU B 22 5.78 36.38 1.44
N GLN B 23 5.13 36.56 2.56
CA GLN B 23 4.98 35.58 3.63
C GLN B 23 3.58 35.59 4.09
N LEU B 24 3.04 34.43 4.37
CA LEU B 24 1.75 34.31 5.03
C LEU B 24 1.99 33.57 6.31
N THR B 25 1.57 34.15 7.42
CA THR B 25 1.62 33.50 8.66
C THR B 25 0.25 32.93 8.97
N LEU B 26 0.20 31.62 9.18
CA LEU B 26 -0.97 30.92 9.78
C LEU B 26 -0.80 30.74 11.28
N ASN B 27 -1.76 31.26 12.04
CA ASN B 27 -1.81 31.07 13.51
C ASN B 27 -2.41 29.71 13.83
N PRO B 28 -2.23 29.22 15.05
CA PRO B 28 -2.72 27.91 15.41
C PRO B 28 -4.22 27.79 15.28
N ILE B 29 -4.68 26.61 14.87
CA ILE B 29 -6.10 26.34 14.58
C ILE B 29 -6.53 25.38 15.65
N GLY B 30 -7.51 25.78 16.43
CA GLY B 30 -7.96 25.01 17.57
C GLY B 30 -8.70 23.76 17.12
N LYS B 31 -9.38 23.78 15.98
CA LYS B 31 -10.27 22.68 15.58
C LYS B 31 -10.56 22.74 14.05
N ILE B 32 -10.65 21.59 13.40
CA ILE B 32 -11.00 21.54 11.97
C ILE B 32 -12.36 20.85 11.81
N ASN B 33 -13.23 21.41 10.97
CA ASN B 33 -14.58 20.88 10.82
C ASN B 33 -15.31 21.50 9.67
N GLY B 34 -16.02 20.70 8.92
CA GLY B 34 -16.78 21.25 7.79
C GLY B 34 -16.68 20.51 6.48
N GLU B 35 -17.03 21.20 5.44
CA GLU B 35 -17.24 20.66 4.12
C GLU B 35 -16.32 21.45 3.20
N ILE B 36 -15.64 20.78 2.28
CA ILE B 36 -14.75 21.39 1.27
C ILE B 36 -15.24 20.88 -0.09
N PHE B 37 -15.39 21.75 -1.07
CA PHE B 37 -15.67 21.32 -2.44
C PHE B 37 -14.39 21.50 -3.21
N LEU B 38 -13.79 20.39 -3.66
CA LEU B 38 -12.65 20.50 -4.50
C LEU B 38 -13.10 21.10 -5.84
N PRO B 39 -12.48 22.19 -6.26
CA PRO B 39 -12.83 22.62 -7.61
C PRO B 39 -12.46 21.57 -8.69
N GLY B 40 -13.27 21.48 -9.73
CA GLY B 40 -13.07 20.46 -10.73
C GLY B 40 -11.70 20.61 -11.34
N SER B 41 -11.09 19.49 -11.66
CA SER B 41 -9.90 19.44 -12.49
C SER B 41 -10.12 20.14 -13.85
N LYS B 42 -9.12 20.87 -14.27
CA LYS B 42 -9.14 21.55 -15.57
C LYS B 42 -9.24 20.58 -16.71
N SER B 43 -8.33 19.61 -16.73
CA SER B 43 -8.31 18.63 -17.82
C SER B 43 -9.57 17.75 -17.84
N LEU B 44 -10.10 17.33 -16.69
CA LEU B 44 -11.35 16.58 -16.66
C LEU B 44 -12.55 17.49 -17.02
N SER B 45 -12.52 18.77 -16.63
CA SER B 45 -13.58 19.69 -17.03
C SER B 45 -13.63 19.81 -18.56
N ASN B 46 -12.47 19.94 -19.17
CA ASN B 46 -12.39 20.07 -20.63
C ASN B 46 -12.83 18.81 -21.34
N ARG B 47 -12.38 17.64 -20.85
CA ARG B 47 -12.84 16.40 -21.47
C ARG B 47 -14.34 16.21 -21.34
N ALA B 48 -14.89 16.51 -20.16
CA ALA B 48 -16.33 16.37 -19.94
C ALA B 48 -17.14 17.28 -20.85
N LEU B 49 -16.73 18.53 -20.97
CA LEU B 49 -17.46 19.46 -21.85
C LEU B 49 -17.48 19.00 -23.32
N LEU B 50 -16.33 18.56 -23.83
CA LEU B 50 -16.29 18.13 -25.22
C LEU B 50 -17.09 16.86 -25.40
N ILE B 51 -16.92 15.91 -24.49
CA ILE B 51 -17.70 14.69 -24.57
C ILE B 51 -19.19 14.95 -24.50
N ALA B 52 -19.62 15.79 -23.57
CA ALA B 52 -21.04 16.18 -23.48
C ALA B 52 -21.54 16.87 -24.75
N ALA B 53 -20.69 17.68 -25.36
CA ALA B 53 -21.08 18.37 -26.58
C ALA B 53 -21.25 17.40 -27.73
N LEU B 54 -20.43 16.36 -27.79
CA LEU B 54 -20.50 15.34 -28.86
C LEU B 54 -21.61 14.29 -28.66
N ALA B 55 -22.08 14.15 -27.44
CA ALA B 55 -22.98 13.12 -27.06
C ALA B 55 -24.38 13.24 -27.67
N ASN B 56 -25.13 12.14 -27.57
CA ASN B 56 -26.61 12.14 -27.73
C ASN B 56 -27.33 12.41 -26.40
N GLY B 57 -28.13 13.48 -26.33
CA GLY B 57 -28.91 13.75 -25.12
C GLY B 57 -28.36 14.90 -24.31
N VAL B 58 -28.97 15.10 -23.14
CA VAL B 58 -28.68 16.28 -22.28
C VAL B 58 -27.86 15.80 -21.10
N THR B 59 -26.65 16.34 -20.92
CA THR B 59 -25.84 16.02 -19.73
C THR B 59 -25.82 17.19 -18.76
N LYS B 60 -26.02 16.93 -17.49
CA LYS B 60 -25.78 17.95 -16.51
C LYS B 60 -24.43 17.69 -15.86
N ILE B 61 -23.46 18.56 -16.16
CA ILE B 61 -22.13 18.50 -15.56
C ILE B 61 -22.10 19.33 -14.28
N THR B 62 -21.63 18.76 -13.17
CA THR B 62 -21.46 19.51 -11.95
C THR B 62 -19.98 19.55 -11.52
N ASN B 63 -19.67 20.53 -10.67
CA ASN B 63 -18.33 20.76 -10.14
C ASN B 63 -17.34 21.13 -11.24
N LEU B 64 -17.86 21.79 -12.27
CA LEU B 64 -17.02 22.29 -13.36
C LEU B 64 -16.14 23.38 -12.78
N LEU B 65 -14.86 23.36 -13.14
CA LEU B 65 -13.96 24.43 -12.82
C LEU B 65 -14.44 25.78 -13.45
N VAL B 66 -14.32 26.85 -12.67
CA VAL B 66 -14.57 28.22 -13.08
C VAL B 66 -13.19 28.90 -13.23
N SER B 67 -12.75 29.16 -14.46
CA SER B 67 -11.48 29.85 -14.74
C SER B 67 -11.57 30.52 -16.11
N ASP B 68 -10.58 31.35 -16.47
CA ASP B 68 -10.54 31.96 -17.82
C ASP B 68 -10.57 30.88 -18.94
N ASP B 69 -9.73 29.87 -18.77
CA ASP B 69 -9.60 28.80 -19.76
C ASP B 69 -10.86 27.99 -19.96
N ILE B 70 -11.59 27.70 -18.90
CA ILE B 70 -12.87 26.99 -19.06
C ILE B 70 -13.86 27.87 -19.83
N ASN B 71 -13.85 29.15 -19.57
CA ASN B 71 -14.72 30.07 -20.34
C ASN B 71 -14.31 30.18 -21.78
N HIS B 72 -13.00 30.18 -22.06
CA HIS B 72 -12.56 30.09 -23.46
C HIS B 72 -13.10 28.82 -24.14
N MET B 73 -13.06 27.68 -23.45
CA MET B 73 -13.62 26.46 -24.03
C MET B 73 -15.14 26.56 -24.20
N LEU B 74 -15.83 27.12 -23.20
CA LEU B 74 -17.29 27.31 -23.31
C LEU B 74 -17.66 28.21 -24.49
N ASN B 75 -16.93 29.32 -24.65
CA ASN B 75 -17.09 30.18 -25.80
C ASN B 75 -16.89 29.48 -27.13
N ALA B 76 -15.89 28.58 -27.21
CA ALA B 76 -15.59 27.90 -28.47
C ALA B 76 -16.72 27.00 -28.81
N LEU B 77 -17.21 26.27 -27.80
CA LEU B 77 -18.34 25.38 -27.99
C LEU B 77 -19.62 26.13 -28.41
N LYS B 78 -19.87 27.27 -27.77
CA LYS B 78 -20.97 28.15 -28.18
C LYS B 78 -20.88 28.56 -29.67
N SER B 79 -19.69 28.99 -30.10
CA SER B 79 -19.48 29.40 -31.49
C SER B 79 -19.75 28.27 -32.46
N LEU B 80 -19.47 27.04 -32.03
CA LEU B 80 -19.68 25.84 -32.84
C LEU B 80 -21.16 25.43 -32.85
N GLY B 81 -22.05 26.14 -32.16
CA GLY B 81 -23.46 25.83 -32.14
C GLY B 81 -23.95 24.92 -31.03
N ILE B 82 -23.15 24.67 -29.98
CA ILE B 82 -23.59 23.82 -28.85
C ILE B 82 -24.48 24.69 -27.97
N GLU B 83 -25.67 24.22 -27.65
CA GLU B 83 -26.53 24.89 -26.68
C GLU B 83 -26.26 24.34 -25.29
N TYR B 84 -25.96 25.23 -24.34
CA TYR B 84 -25.81 24.88 -22.91
C TYR B 84 -26.28 26.00 -22.03
N THR B 85 -26.49 25.67 -20.76
CA THR B 85 -26.87 26.64 -19.75
C THR B 85 -25.98 26.50 -18.54
N LEU B 86 -25.22 27.52 -18.24
CA LEU B 86 -24.48 27.60 -16.99
C LEU B 86 -25.38 28.02 -15.82
N SER B 87 -25.22 27.40 -14.67
CA SER B 87 -25.84 27.86 -13.40
C SER B 87 -24.89 27.55 -12.22
N ASP B 88 -25.33 27.82 -10.99
CA ASP B 88 -24.61 27.51 -9.77
C ASP B 88 -23.26 28.15 -9.78
N CYS B 89 -23.28 29.40 -10.17
CA CYS B 89 -22.10 30.24 -10.24
C CYS B 89 -21.01 29.76 -11.20
N GLY B 90 -21.38 29.12 -12.30
CA GLY B 90 -20.37 28.62 -13.28
C GLY B 90 -20.05 27.13 -13.10
N THR B 91 -20.42 26.53 -11.96
CA THR B 91 -20.04 25.15 -11.64
C THR B 91 -20.93 24.09 -12.22
N GLU B 92 -22.06 24.47 -12.78
CA GLU B 92 -23.01 23.54 -13.35
C GLU B 92 -23.23 23.96 -14.78
N CYS B 93 -23.10 23.02 -15.71
CA CYS B 93 -23.31 23.26 -17.14
C CYS B 93 -24.17 22.13 -17.68
N THR B 94 -25.37 22.50 -18.14
CA THR B 94 -26.32 21.57 -18.73
C THR B 94 -26.21 21.64 -20.26
N VAL B 95 -25.69 20.58 -20.87
CA VAL B 95 -25.23 20.60 -22.28
C VAL B 95 -26.18 19.76 -23.15
N ILE B 96 -26.76 20.36 -24.18
CA ILE B 96 -27.53 19.64 -25.19
C ILE B 96 -26.50 19.10 -26.20
N GLY B 97 -26.32 17.81 -26.15
CA GLY B 97 -25.37 17.20 -27.05
C GLY B 97 -25.73 17.38 -28.50
N ASN B 98 -24.72 17.56 -29.34
CA ASN B 98 -24.85 17.73 -30.74
C ASN B 98 -25.13 16.42 -31.45
N GLY B 99 -24.79 15.29 -30.83
CA GLY B 99 -25.05 13.99 -31.41
C GLY B 99 -24.11 13.59 -32.52
N GLY B 100 -22.87 14.01 -32.44
CA GLY B 100 -21.88 13.74 -33.44
C GLY B 100 -21.00 14.99 -33.57
N PHE B 101 -20.20 15.02 -34.62
CA PHE B 101 -19.30 16.09 -34.86
C PHE B 101 -20.01 17.37 -35.25
N PHE B 102 -19.23 18.44 -35.19
CA PHE B 102 -19.77 19.76 -35.39
C PHE B 102 -20.04 20.03 -36.89
N ASN B 103 -20.89 21.04 -37.09
CA ASN B 103 -21.29 21.48 -38.42
C ASN B 103 -21.30 23.01 -38.30
N ALA B 104 -20.37 23.68 -38.97
CA ALA B 104 -20.33 25.15 -38.91
C ALA B 104 -20.34 25.71 -40.32
N LYS B 105 -21.30 26.55 -40.64
CA LYS B 105 -21.45 27.02 -42.00
C LYS B 105 -20.59 28.22 -42.30
N LYS B 106 -20.02 28.87 -41.28
CA LYS B 106 -19.12 29.99 -41.47
C LYS B 106 -17.75 29.68 -40.83
N PRO B 107 -16.68 30.18 -41.42
CA PRO B 107 -15.37 29.94 -40.82
C PRO B 107 -15.25 30.52 -39.43
N LEU B 108 -14.58 29.78 -38.53
CA LEU B 108 -14.46 30.23 -37.15
C LEU B 108 -13.02 30.32 -36.77
N GLU B 109 -12.73 31.30 -35.95
CA GLU B 109 -11.45 31.46 -35.30
C GLU B 109 -11.68 31.21 -33.82
N LEU B 110 -11.09 30.16 -33.26
CA LEU B 110 -11.37 29.74 -31.91
C LEU B 110 -10.12 29.90 -31.04
N TYR B 111 -10.28 30.69 -29.97
CA TYR B 111 -9.22 30.95 -29.00
C TYR B 111 -9.38 30.11 -27.74
N LEU B 112 -8.36 29.36 -27.40
CA LEU B 112 -8.42 28.42 -26.29
C LEU B 112 -7.47 28.70 -25.14
N GLY B 113 -6.95 29.94 -25.08
CA GLY B 113 -6.19 30.38 -23.91
C GLY B 113 -4.96 29.53 -23.76
N ASN B 114 -4.76 29.00 -22.56
CA ASN B 114 -3.62 28.21 -22.24
C ASN B 114 -4.04 26.78 -21.97
N ALA B 115 -5.25 26.43 -22.38
CA ALA B 115 -5.78 25.08 -22.14
C ALA B 115 -5.32 24.07 -23.18
N GLY B 116 -4.13 23.52 -23.04
CA GLY B 116 -3.72 22.37 -23.87
C GLY B 116 -4.69 21.19 -23.88
N THR B 117 -5.30 20.94 -22.74
CA THR B 117 -6.25 19.80 -22.64
C THR B 117 -7.63 20.02 -23.29
N ALA B 118 -7.89 21.25 -23.72
CA ALA B 118 -9.01 21.57 -24.57
C ALA B 118 -8.53 21.62 -26.00
N MET B 119 -7.41 22.28 -26.19
CA MET B 119 -6.83 22.49 -27.51
C MET B 119 -6.61 21.20 -28.33
N ARG B 120 -5.97 20.19 -27.77
CA ARG B 120 -5.67 18.97 -28.53
C ARG B 120 -6.97 18.19 -28.89
N PRO B 121 -7.86 17.95 -27.92
CA PRO B 121 -9.08 17.22 -28.27
C PRO B 121 -9.97 18.00 -29.22
N LEU B 122 -10.06 19.33 -29.04
CA LEU B 122 -10.83 20.11 -30.03
C LEU B 122 -10.25 20.05 -31.43
N CYS B 123 -8.92 20.09 -31.53
CA CYS B 123 -8.25 19.96 -32.82
C CYS B 123 -8.62 18.65 -33.57
N ALA B 124 -8.66 17.55 -32.84
CA ALA B 124 -9.06 16.29 -33.39
C ALA B 124 -10.52 16.33 -33.80
N ALA B 125 -11.37 16.86 -32.93
CA ALA B 125 -12.82 16.90 -33.21
C ALA B 125 -13.17 17.79 -34.40
N LEU B 126 -12.46 18.91 -34.49
CA LEU B 126 -12.67 19.84 -35.58
C LEU B 126 -12.19 19.27 -36.91
N ALA B 127 -11.09 18.52 -36.87
CA ALA B 127 -10.59 17.86 -38.03
C ALA B 127 -11.60 16.89 -38.66
N ALA B 128 -12.44 16.33 -37.81
CA ALA B 128 -13.48 15.38 -38.15
C ALA B 128 -14.90 15.96 -38.38
N SER B 129 -15.03 17.30 -38.34
CA SER B 129 -16.30 18.05 -38.38
C SER B 129 -16.46 18.64 -39.75
N GLU B 130 -17.53 19.38 -39.98
CA GLU B 130 -17.66 20.16 -41.26
C GLU B 130 -17.53 21.64 -40.97
N GLY B 131 -16.65 22.28 -41.71
CA GLY B 131 -16.35 23.68 -41.59
C GLY B 131 -14.86 23.92 -41.78
N GLU B 132 -14.48 25.15 -41.51
CA GLU B 132 -13.12 25.61 -41.68
C GLU B 132 -12.79 26.42 -40.46
N PHE B 133 -11.67 26.15 -39.82
CA PHE B 133 -11.44 26.62 -38.47
C PHE B 133 -9.99 27.03 -38.31
N ILE B 134 -9.78 28.09 -37.56
CA ILE B 134 -8.47 28.48 -37.01
C ILE B 134 -8.51 28.28 -35.49
N LEU B 135 -7.50 27.59 -34.97
CA LEU B 135 -7.43 27.20 -33.64
C LEU B 135 -6.15 27.86 -33.17
N THR B 136 -6.29 28.61 -32.08
CA THR B 136 -5.15 29.31 -31.53
C THR B 136 -5.33 29.54 -30.03
N GLY B 137 -4.41 30.25 -29.43
CA GLY B 137 -4.41 30.42 -28.00
C GLY B 137 -3.37 31.47 -27.61
N GLU B 138 -3.17 31.56 -26.29
CA GLU B 138 -2.16 32.45 -25.66
C GLU B 138 -0.78 32.25 -26.19
N PRO B 139 0.10 33.23 -25.94
CA PRO B 139 1.47 33.09 -26.39
C PRO B 139 2.14 31.82 -25.87
N ARG B 140 1.94 31.45 -24.62
CA ARG B 140 2.50 30.16 -24.12
C ARG B 140 1.99 28.90 -24.85
N MET B 141 0.75 28.92 -25.27
CA MET B 141 0.17 27.78 -26.02
C MET B 141 0.84 27.65 -27.37
N LYS B 142 1.18 28.79 -27.99
CA LYS B 142 1.92 28.76 -29.23
C LYS B 142 3.32 28.17 -29.16
N GLU B 143 3.91 28.14 -27.98
CA GLU B 143 5.24 27.56 -27.77
C GLU B 143 5.19 26.08 -27.40
N ARG B 144 4.01 25.47 -27.40
CA ARG B 144 3.92 24.06 -27.07
C ARG B 144 3.61 23.22 -28.33
N PRO B 145 4.48 22.26 -28.63
CA PRO B 145 4.38 21.53 -29.90
C PRO B 145 3.09 20.70 -30.01
N ILE B 146 2.54 20.66 -31.20
CA ILE B 146 1.37 19.88 -31.53
C ILE B 146 1.61 18.93 -32.75
N GLY B 147 2.86 18.85 -33.19
CA GLY B 147 3.26 18.12 -34.39
C GLY B 147 2.90 16.63 -34.37
N HIS B 148 3.01 16.02 -33.19
CA HIS B 148 2.69 14.61 -33.05
C HIS B 148 1.21 14.36 -33.14
N LEU B 149 0.39 15.25 -32.58
CA LEU B 149 -1.05 15.14 -32.80
C LEU B 149 -1.40 15.33 -34.25
N VAL B 150 -0.81 16.33 -34.90
CA VAL B 150 -1.19 16.66 -36.27
C VAL B 150 -0.79 15.52 -37.22
N ASP B 151 0.36 14.90 -36.95
CA ASP B 151 0.86 13.73 -37.68
C ASP B 151 -0.10 12.56 -37.50
N ALA B 152 -0.57 12.30 -36.28
CA ALA B 152 -1.57 11.26 -35.98
C ALA B 152 -2.86 11.50 -36.76
N LEU B 153 -3.32 12.75 -36.80
CA LEU B 153 -4.54 13.13 -37.49
C LEU B 153 -4.38 13.03 -38.99
N ALA B 154 -3.20 13.31 -39.49
CA ALA B 154 -2.93 13.18 -40.92
C ALA B 154 -3.04 11.74 -41.39
N GLN B 155 -2.73 10.77 -40.55
CA GLN B 155 -2.89 9.35 -40.88
C GLN B 155 -4.35 8.98 -40.83
N LEU B 156 -5.23 9.82 -40.26
CA LEU B 156 -6.70 9.63 -40.35
C LEU B 156 -7.30 10.42 -41.54
N ASP B 157 -6.43 10.92 -42.42
CA ASP B 157 -6.81 11.69 -43.57
C ASP B 157 -7.23 13.15 -43.24
N ALA B 158 -6.78 13.71 -42.12
CA ALA B 158 -7.12 15.12 -41.77
C ALA B 158 -6.39 16.11 -42.68
N ASP B 159 -7.01 17.29 -42.85
CA ASP B 159 -6.50 18.48 -43.57
C ASP B 159 -6.23 19.64 -42.56
N ILE B 160 -4.96 19.67 -42.12
CA ILE B 160 -4.47 20.69 -41.19
C ILE B 160 -3.26 21.47 -41.77
N GLU B 161 -3.26 22.78 -41.58
CA GLU B 161 -2.20 23.67 -42.09
C GLU B 161 -1.63 24.51 -40.95
N TYR B 162 -0.29 24.60 -40.84
CA TYR B 162 0.31 25.43 -39.83
C TYR B 162 0.35 26.87 -40.35
N LEU B 163 -0.08 27.84 -39.55
CA LEU B 163 -0.09 29.26 -40.02
C LEU B 163 1.19 30.00 -39.73
N GLU B 164 1.95 29.53 -38.75
CA GLU B 164 3.21 30.14 -38.30
C GLU B 164 4.25 29.02 -38.31
N ASN B 165 4.84 28.67 -37.16
CA ASN B 165 5.91 27.66 -37.11
C ASN B 165 5.29 26.31 -37.29
N LYS B 166 5.93 25.48 -38.11
CA LYS B 166 5.58 24.09 -38.26
C LYS B 166 5.65 23.38 -36.90
N ASP B 167 4.64 22.53 -36.66
CA ASP B 167 4.44 21.75 -35.45
C ASP B 167 3.93 22.53 -34.27
N TYR B 168 3.48 23.78 -34.44
CA TYR B 168 2.95 24.56 -33.31
C TYR B 168 1.62 25.17 -33.69
N PRO B 169 0.77 25.49 -32.72
CA PRO B 169 -0.39 26.30 -33.03
C PRO B 169 0.12 27.67 -33.53
N PRO B 170 -0.68 28.38 -34.32
CA PRO B 170 -2.03 28.05 -34.63
C PRO B 170 -2.09 27.24 -35.90
N VAL B 171 -3.22 26.59 -36.07
CA VAL B 171 -3.47 25.74 -37.21
C VAL B 171 -4.76 26.17 -37.87
N LYS B 172 -4.82 25.99 -39.19
CA LYS B 172 -6.08 26.12 -39.91
C LYS B 172 -6.49 24.71 -40.26
N ILE B 173 -7.73 24.36 -39.91
CA ILE B 173 -8.29 23.02 -40.11
C ILE B 173 -9.46 23.10 -41.09
N LYS B 174 -9.45 22.25 -42.14
CA LYS B 174 -10.62 22.07 -43.00
C LYS B 174 -11.21 20.75 -42.65
N GLY B 175 -12.41 20.77 -42.05
CA GLY B 175 -13.02 19.56 -41.61
C GLY B 175 -13.36 18.55 -42.72
N LYS B 176 -13.19 17.27 -42.43
CA LYS B 176 -13.48 16.16 -43.37
C LYS B 176 -14.03 14.97 -42.61
N ALA B 177 -14.74 14.06 -43.27
CA ALA B 177 -15.09 12.76 -42.72
C ALA B 177 -13.76 11.98 -42.60
N LEU B 178 -13.22 11.79 -41.41
CA LEU B 178 -11.95 11.07 -41.30
C LEU B 178 -12.14 9.55 -41.51
N THR B 179 -11.07 8.90 -41.89
CA THR B 179 -11.02 7.43 -42.10
C THR B 179 -10.13 6.70 -41.07
N GLY B 180 -10.72 5.74 -40.36
CA GLY B 180 -9.93 4.88 -39.52
C GLY B 180 -8.82 4.14 -40.30
N ASN B 181 -7.70 3.92 -39.65
CA ASN B 181 -6.81 2.80 -39.98
C ASN B 181 -5.82 2.68 -38.80
N THR B 182 -4.61 2.21 -39.03
CA THR B 182 -3.69 2.13 -37.94
C THR B 182 -2.96 3.43 -37.86
N VAL B 183 -3.02 4.06 -36.69
CA VAL B 183 -2.16 5.19 -36.39
C VAL B 183 -1.07 4.78 -35.41
N THR B 184 0.17 5.04 -35.80
CA THR B 184 1.32 4.70 -34.98
C THR B 184 1.92 5.97 -34.37
N ILE B 185 2.11 5.96 -33.06
CA ILE B 185 2.60 7.12 -32.30
C ILE B 185 3.69 6.74 -31.29
N ASP B 186 4.51 7.73 -30.93
CA ASP B 186 5.62 7.55 -30.00
C ASP B 186 5.16 7.60 -28.52
N GLY B 187 5.39 6.52 -27.77
CA GLY B 187 4.97 6.40 -26.36
C GLY B 187 5.60 7.32 -25.31
N SER B 188 6.87 7.68 -25.51
CA SER B 188 7.61 8.64 -24.65
C SER B 188 7.02 10.07 -24.67
N ILE B 189 6.24 10.37 -25.70
CA ILE B 189 5.57 11.66 -25.82
C ILE B 189 4.21 11.59 -25.09
N SER B 190 3.30 10.67 -25.52
CA SER B 190 1.98 10.31 -24.81
C SER B 190 1.02 11.46 -24.67
N SER B 191 1.58 12.48 -24.00
CA SER B 191 0.99 13.70 -23.53
C SER B 191 -0.51 13.65 -23.63
N GLN B 192 -1.08 14.68 -24.24
CA GLN B 192 -2.50 14.79 -24.33
C GLN B 192 -2.82 14.39 -25.77
N PHE B 193 -1.80 13.96 -26.54
CA PHE B 193 -2.03 13.61 -27.93
C PHE B 193 -2.95 12.38 -27.93
N LEU B 194 -2.55 11.31 -27.22
CA LEU B 194 -3.26 10.05 -27.28
C LEU B 194 -4.72 10.27 -26.83
N THR B 195 -4.93 11.13 -25.87
CA THR B 195 -6.30 11.39 -25.39
C THR B 195 -7.18 11.97 -26.48
N ALA B 196 -6.62 12.93 -27.23
CA ALA B 196 -7.32 13.51 -28.39
C ALA B 196 -7.79 12.48 -29.43
N ILE B 197 -6.90 11.59 -29.85
CA ILE B 197 -7.23 10.56 -30.81
C ILE B 197 -8.28 9.60 -30.25
N LEU B 198 -8.08 9.10 -29.02
CA LEU B 198 -9.04 8.19 -28.40
C LEU B 198 -10.46 8.77 -28.32
N MET B 199 -10.59 10.02 -27.93
CA MET B 199 -11.92 10.63 -27.76
C MET B 199 -12.74 10.73 -29.07
N ILE B 200 -12.08 10.93 -30.21
CA ILE B 200 -12.80 11.02 -31.47
C ILE B 200 -12.97 9.75 -32.25
N ALA B 201 -12.04 8.80 -32.09
CA ALA B 201 -12.06 7.59 -32.89
C ALA B 201 -13.36 6.82 -32.86
N PRO B 202 -14.04 6.72 -31.72
CA PRO B 202 -15.29 5.95 -31.60
C PRO B 202 -16.40 6.48 -32.50
N LEU B 203 -16.32 7.75 -32.84
CA LEU B 203 -17.37 8.45 -33.56
C LEU B 203 -17.15 8.47 -35.07
N LEU B 204 -15.98 8.05 -35.56
CA LEU B 204 -15.73 7.97 -37.00
C LEU B 204 -16.59 6.85 -37.60
N GLU B 205 -16.74 6.87 -38.91
CA GLU B 205 -17.58 5.85 -39.58
C GLU B 205 -16.85 4.51 -39.79
N THR B 206 -15.54 4.48 -39.59
CA THR B 206 -14.75 3.30 -39.76
C THR B 206 -13.87 3.07 -38.50
N ASN B 207 -13.21 1.91 -38.45
CA ASN B 207 -12.51 1.41 -37.27
C ASN B 207 -11.07 1.85 -37.24
N THR B 208 -10.55 1.97 -36.04
CA THR B 208 -9.21 2.43 -35.80
C THR B 208 -8.43 1.53 -34.85
N THR B 209 -7.14 1.43 -35.10
CA THR B 209 -6.19 0.95 -34.14
C THR B 209 -5.09 1.99 -33.96
N ILE B 210 -4.71 2.22 -32.71
CA ILE B 210 -3.60 3.09 -32.36
C ILE B 210 -2.51 2.23 -31.75
N GLU B 211 -1.32 2.23 -32.36
CA GLU B 211 -0.21 1.38 -31.94
C GLU B 211 0.77 2.26 -31.25
N ILE B 212 1.21 1.84 -30.08
CA ILE B 212 2.17 2.63 -29.33
C ILE B 212 3.56 2.10 -29.63
N ASP B 213 4.43 2.97 -30.14
CA ASP B 213 5.86 2.64 -30.26
C ASP B 213 6.59 3.00 -28.96
N GLY B 214 7.13 1.98 -28.28
CA GLY B 214 7.88 2.18 -27.02
C GLY B 214 6.94 2.17 -25.83
N GLU B 215 7.46 2.42 -24.62
CA GLU B 215 6.62 2.35 -23.42
C GLU B 215 5.84 3.65 -23.31
N LEU B 216 4.54 3.53 -23.04
CA LEU B 216 3.66 4.67 -22.85
C LEU B 216 3.91 5.39 -21.51
N VAL B 217 4.33 6.64 -21.53
CA VAL B 217 4.43 7.43 -20.29
C VAL B 217 3.06 8.04 -19.94
N SER B 218 2.88 8.46 -18.68
CA SER B 218 1.60 9.07 -18.19
C SER B 218 0.37 8.19 -18.41
N LYS B 219 0.56 6.89 -18.17
CA LYS B 219 -0.58 5.96 -18.13
C LYS B 219 -1.77 6.42 -17.24
N PRO B 220 -1.52 7.07 -16.08
CA PRO B 220 -2.69 7.53 -15.30
C PRO B 220 -3.58 8.55 -16.03
N TYR B 221 -2.97 9.44 -16.82
CA TYR B 221 -3.71 10.39 -17.62
C TYR B 221 -4.67 9.66 -18.57
N ILE B 222 -4.17 8.60 -19.20
CA ILE B 222 -4.91 7.80 -20.18
C ILE B 222 -6.04 7.03 -19.52
N ASP B 223 -5.80 6.48 -18.32
CA ASP B 223 -6.81 5.80 -17.57
C ASP B 223 -7.95 6.74 -17.26
N ILE B 224 -7.62 7.99 -16.90
CA ILE B 224 -8.69 8.96 -16.65
C ILE B 224 -9.53 9.16 -17.92
N THR B 225 -8.88 9.28 -19.06
CA THR B 225 -9.60 9.49 -20.31
C THR B 225 -10.51 8.28 -20.63
N LEU B 226 -9.98 7.11 -20.46
CA LEU B 226 -10.69 5.89 -20.77
C LEU B 226 -11.88 5.71 -19.82
N ASP B 227 -11.71 6.07 -18.55
CA ASP B 227 -12.80 6.01 -17.59
C ASP B 227 -13.94 6.95 -17.97
N ILE B 228 -13.66 8.22 -18.23
CA ILE B 228 -14.79 9.07 -18.61
C ILE B 228 -15.40 8.63 -19.95
N MET B 229 -14.60 8.23 -20.94
CA MET B 229 -15.17 7.69 -22.17
C MET B 229 -16.20 6.52 -21.91
N ARG B 230 -15.80 5.56 -21.09
CA ARG B 230 -16.64 4.40 -20.75
C ARG B 230 -17.87 4.80 -19.97
N ARG B 231 -17.78 5.79 -19.08
CA ARG B 231 -18.98 6.28 -18.40
C ARG B 231 -20.00 6.86 -19.35
N PHE B 232 -19.52 7.47 -20.44
CA PHE B 232 -20.40 7.96 -21.51
C PHE B 232 -20.68 6.91 -22.58
N ASN B 233 -20.37 5.65 -22.25
CA ASN B 233 -20.87 4.44 -22.92
C ASN B 233 -20.22 4.09 -24.28
N VAL B 234 -18.93 4.39 -24.41
CA VAL B 234 -18.19 4.05 -25.59
C VAL B 234 -17.21 2.99 -25.13
N SER B 235 -16.80 2.10 -26.01
CA SER B 235 -15.91 1.07 -25.55
C SER B 235 -14.61 1.12 -26.35
N VAL B 236 -13.53 0.88 -25.63
CA VAL B 236 -12.17 0.85 -26.16
C VAL B 236 -11.46 -0.40 -25.61
N GLN B 237 -10.82 -1.16 -26.50
CA GLN B 237 -10.03 -2.32 -26.11
C GLN B 237 -8.59 -1.88 -25.87
N ASN B 238 -8.14 -1.91 -24.62
CA ASN B 238 -6.79 -1.53 -24.25
C ASN B 238 -5.94 -2.80 -24.14
N ASN B 239 -5.10 -3.07 -25.16
CA ASN B 239 -4.13 -4.20 -25.13
C ASN B 239 -2.85 -3.81 -24.45
N ASP B 240 -2.89 -3.83 -23.12
CA ASP B 240 -1.73 -3.57 -22.25
C ASP B 240 -0.96 -2.27 -22.53
N TYR B 241 -1.70 -1.23 -22.96
CA TYR B 241 -1.13 0.07 -23.20
C TYR B 241 -0.08 0.03 -24.31
N LYS B 242 -0.15 -1.00 -25.14
CA LYS B 242 0.69 -1.21 -26.29
C LYS B 242 -0.12 -0.91 -27.55
N SER B 243 -1.42 -1.14 -27.49
CA SER B 243 -2.27 -0.72 -28.57
C SER B 243 -3.69 -0.53 -28.07
N PHE B 244 -4.40 0.33 -28.77
CA PHE B 244 -5.75 0.65 -28.42
C PHE B 244 -6.62 0.47 -29.63
N ILE B 245 -7.65 -0.35 -29.50
CA ILE B 245 -8.52 -0.78 -30.61
C ILE B 245 -9.89 -0.17 -30.37
N VAL B 246 -10.31 0.61 -31.35
CA VAL B 246 -11.49 1.41 -31.27
C VAL B 246 -12.32 1.18 -32.54
N ASN B 247 -13.44 0.55 -32.40
CA ASN B 247 -14.43 0.56 -33.43
C ASN B 247 -15.15 1.90 -33.60
N GLY B 248 -15.46 2.23 -34.84
CA GLY B 248 -16.24 3.38 -35.14
C GLY B 248 -17.70 3.09 -34.96
N LYS B 249 -18.51 4.05 -35.42
CA LYS B 249 -19.95 4.03 -35.33
C LYS B 249 -20.49 3.95 -33.92
N GLN B 250 -19.69 4.41 -32.95
CA GLN B 250 -20.18 4.49 -31.58
C GLN B 250 -20.70 5.89 -31.37
N SER B 251 -21.40 6.09 -30.28
CA SER B 251 -21.72 7.44 -29.88
C SER B 251 -21.67 7.53 -28.37
N TYR B 252 -21.38 8.73 -27.89
CA TYR B 252 -21.46 9.03 -26.47
C TYR B 252 -22.93 9.21 -26.11
N GLN B 253 -23.33 8.69 -24.97
CA GLN B 253 -24.72 8.72 -24.47
C GLN B 253 -24.63 9.59 -23.22
N ALA B 254 -25.45 10.63 -23.24
CA ALA B 254 -25.48 11.62 -22.20
C ALA B 254 -25.72 10.99 -20.88
N LEU B 255 -25.16 11.58 -19.82
CA LEU B 255 -25.49 11.20 -18.47
C LEU B 255 -26.38 12.23 -17.82
N ASP B 256 -27.34 11.76 -17.03
CA ASP B 256 -28.21 12.67 -16.26
C ASP B 256 -27.38 13.60 -15.42
N LYS B 257 -26.38 13.10 -14.73
CA LYS B 257 -25.45 13.96 -14.00
C LYS B 257 -24.05 13.42 -14.16
N TYR B 258 -23.08 14.29 -14.35
CA TYR B 258 -21.66 13.88 -14.30
C TYR B 258 -20.90 14.88 -13.46
N MET B 259 -20.28 14.39 -12.41
CA MET B 259 -19.56 15.27 -11.51
C MET B 259 -18.09 15.28 -11.93
N VAL B 260 -17.56 16.45 -12.21
CA VAL B 260 -16.15 16.57 -12.54
C VAL B 260 -15.38 16.38 -11.24
N GLU B 261 -14.48 15.45 -11.20
CA GLU B 261 -13.68 15.22 -10.01
C GLU B 261 -12.70 16.33 -9.87
N GLY B 262 -12.40 16.64 -8.62
CA GLY B 262 -11.24 17.46 -8.31
C GLY B 262 -9.94 16.73 -8.49
N ASP B 263 -8.85 17.51 -8.40
CA ASP B 263 -7.47 16.96 -8.27
C ASP B 263 -7.39 16.14 -6.96
N ALA B 264 -7.40 14.80 -7.06
CA ALA B 264 -7.34 13.91 -5.84
C ALA B 264 -6.18 14.28 -4.91
N SER B 265 -5.02 14.66 -5.45
CA SER B 265 -3.90 15.12 -4.60
C SER B 265 -4.25 16.29 -3.67
N SER B 266 -5.10 17.20 -4.13
CA SER B 266 -5.48 18.37 -3.37
C SER B 266 -6.51 18.08 -2.28
N ALA B 267 -7.14 16.91 -2.34
CA ALA B 267 -7.94 16.42 -1.22
C ALA B 267 -7.11 16.08 0.02
N SER B 268 -5.87 15.64 -0.17
CA SER B 268 -5.08 15.13 0.90
C SER B 268 -4.88 16.15 2.06
N TYR B 269 -4.69 17.44 1.77
CA TYR B 269 -4.50 18.45 2.81
C TYR B 269 -5.68 18.52 3.78
N PHE B 270 -6.85 18.45 3.21
CA PHE B 270 -8.07 18.59 3.98
C PHE B 270 -8.44 17.35 4.81
N LEU B 271 -8.26 16.20 4.19
CA LEU B 271 -8.42 14.92 4.84
C LEU B 271 -7.42 14.77 5.98
N ALA B 272 -6.14 15.16 5.75
CA ALA B 272 -5.17 15.17 6.82
C ALA B 272 -5.51 16.10 7.95
N ALA B 273 -5.93 17.33 7.61
CA ALA B 273 -6.34 18.30 8.64
C ALA B 273 -7.51 17.75 9.51
N GLY B 274 -8.48 17.10 8.86
CA GLY B 274 -9.56 16.41 9.55
C GLY B 274 -9.10 15.25 10.40
N ALA B 275 -8.20 14.42 9.87
CA ALA B 275 -7.59 13.36 10.68
C ALA B 275 -6.89 13.89 11.93
N ILE B 276 -6.13 14.95 11.77
CA ILE B 276 -5.27 15.51 12.85
C ILE B 276 -6.10 16.27 13.88
N LYS B 277 -6.95 17.19 13.45
CA LYS B 277 -7.59 18.16 14.36
C LYS B 277 -9.15 18.22 14.31
N GLY B 278 -9.75 17.24 13.67
CA GLY B 278 -11.15 17.10 13.63
C GLY B 278 -11.75 16.58 14.96
N GLY B 279 -13.06 16.67 15.10
CA GLY B 279 -14.00 17.14 14.09
C GLY B 279 -14.19 16.15 12.98
N GLU B 280 -14.88 16.58 11.94
CA GLU B 280 -15.25 15.72 10.83
C GLU B 280 -15.13 16.62 9.57
N VAL B 281 -14.45 16.14 8.51
CA VAL B 281 -14.36 16.90 7.28
C VAL B 281 -14.92 16.05 6.20
N THR B 282 -15.76 16.61 5.34
CA THR B 282 -16.12 15.91 4.11
C THR B 282 -15.55 16.69 2.94
N VAL B 283 -14.76 16.02 2.09
CA VAL B 283 -14.25 16.60 0.84
C VAL B 283 -15.10 16.12 -0.31
N HIS B 284 -15.77 17.02 -1.00
CA HIS B 284 -16.62 16.64 -2.15
C HIS B 284 -15.81 16.89 -3.42
N GLY B 285 -15.99 16.06 -4.42
CA GLY B 285 -15.32 16.11 -5.71
C GLY B 285 -14.38 14.91 -5.84
N ILE B 286 -14.44 13.94 -4.94
CA ILE B 286 -13.52 12.79 -5.05
C ILE B 286 -14.13 11.69 -4.22
N GLY B 287 -14.06 10.47 -4.72
CA GLY B 287 -14.76 9.38 -4.07
C GLY B 287 -14.42 8.05 -4.68
N LYS B 288 -15.23 7.05 -4.41
CA LYS B 288 -14.98 5.69 -4.95
C LYS B 288 -15.05 5.58 -6.48
N LEU B 289 -15.75 6.46 -7.19
CA LEU B 289 -15.81 6.30 -8.66
C LEU B 289 -14.49 6.67 -9.33
N SER B 290 -13.63 7.40 -8.64
CA SER B 290 -12.47 7.98 -9.29
C SER B 290 -11.44 6.89 -9.66
N VAL B 291 -10.77 7.06 -10.80
CA VAL B 291 -9.58 6.25 -11.10
C VAL B 291 -8.29 7.01 -10.84
N GLN B 292 -8.36 8.17 -10.16
CA GLN B 292 -7.16 8.90 -9.77
C GLN B 292 -6.41 8.13 -8.66
N GLY B 293 -5.14 7.82 -8.87
CA GLY B 293 -4.35 7.01 -7.91
C GLY B 293 -4.23 7.64 -6.54
N ASP B 294 -4.11 8.96 -6.51
CA ASP B 294 -3.94 9.68 -5.25
C ASP B 294 -5.13 9.73 -4.33
N LYS B 295 -6.28 9.24 -4.77
CA LYS B 295 -7.35 8.99 -3.81
C LYS B 295 -7.02 7.98 -2.70
N HIS B 296 -6.06 7.09 -2.93
CA HIS B 296 -5.68 6.11 -1.92
C HIS B 296 -4.86 6.73 -0.82
N PHE B 297 -4.57 8.04 -0.90
CA PHE B 297 -4.12 8.80 0.29
C PHE B 297 -4.98 8.52 1.51
N ALA B 298 -6.28 8.54 1.32
CA ALA B 298 -7.23 8.26 2.40
C ALA B 298 -7.01 6.90 3.10
N ASP B 299 -6.57 5.89 2.36
CA ASP B 299 -6.29 4.60 2.95
C ASP B 299 -5.02 4.69 3.79
N VAL B 300 -4.00 5.45 3.35
CA VAL B 300 -2.87 5.73 4.22
C VAL B 300 -3.29 6.36 5.58
N LEU B 301 -4.16 7.36 5.56
CA LEU B 301 -4.61 7.96 6.82
C LEU B 301 -5.34 6.97 7.70
N GLU B 302 -6.15 6.13 7.08
CA GLU B 302 -6.79 5.04 7.79
C GLU B 302 -5.75 4.09 8.43
N LYS B 303 -4.67 3.75 7.74
CA LYS B 303 -3.60 2.97 8.37
C LYS B 303 -2.95 3.71 9.51
N MET B 304 -3.07 5.03 9.57
CA MET B 304 -2.56 5.80 10.72
C MET B 304 -3.52 5.95 11.87
N GLY B 305 -4.73 5.48 11.72
CA GLY B 305 -5.70 5.55 12.82
C GLY B 305 -6.92 6.35 12.49
N ALA B 306 -6.96 7.06 11.35
CA ALA B 306 -8.13 7.90 11.02
C ALA B 306 -9.32 7.04 10.63
N GLU B 307 -10.50 7.57 10.81
CA GLU B 307 -11.70 6.98 10.37
C GLU B 307 -12.13 7.68 9.07
N ILE B 308 -12.35 6.86 8.05
CA ILE B 308 -12.62 7.30 6.71
C ILE B 308 -13.90 6.67 6.24
N HIS B 309 -14.81 7.47 5.73
CA HIS B 309 -16.05 6.97 5.09
C HIS B 309 -16.09 7.42 3.62
N TRP B 310 -16.14 6.45 2.73
CA TRP B 310 -16.12 6.66 1.30
C TRP B 310 -17.54 6.72 0.76
N LYS B 311 -17.79 7.62 -0.18
CA LYS B 311 -19.01 7.65 -0.99
C LYS B 311 -18.57 7.83 -2.45
N ASP B 312 -19.54 7.84 -3.36
CA ASP B 312 -19.20 7.81 -4.78
C ASP B 312 -18.46 9.08 -5.19
N GLU B 313 -18.94 10.19 -4.65
CA GLU B 313 -18.46 11.53 -4.99
C GLU B 313 -17.88 12.35 -3.80
N SER B 314 -17.71 11.77 -2.61
CA SER B 314 -17.11 12.49 -1.44
C SER B 314 -16.33 11.50 -0.55
N ILE B 315 -15.36 11.97 0.25
CA ILE B 315 -14.70 11.17 1.25
C ILE B 315 -14.80 11.97 2.53
N THR B 316 -15.20 11.31 3.62
CA THR B 316 -15.34 11.96 4.92
C THR B 316 -14.28 11.40 5.88
N VAL B 317 -13.67 12.26 6.70
CA VAL B 317 -12.74 11.83 7.72
C VAL B 317 -13.23 12.31 9.08
N ILE B 318 -13.03 11.49 10.11
CA ILE B 318 -13.26 11.84 11.51
C ILE B 318 -11.93 11.80 12.24
N GLY B 319 -11.65 12.83 13.02
CA GLY B 319 -10.37 12.97 13.70
C GLY B 319 -10.19 11.92 14.77
N LYS B 320 -8.98 11.37 14.87
CA LYS B 320 -8.63 10.29 15.80
C LYS B 320 -7.15 10.42 16.12
N PRO B 321 -6.68 9.85 17.22
CA PRO B 321 -5.25 9.86 17.46
C PRO B 321 -4.57 9.10 16.35
N LEU B 322 -3.45 9.64 15.86
CA LEU B 322 -2.74 9.03 14.75
C LEU B 322 -1.49 8.34 15.23
N THR B 323 -1.18 7.21 14.64
CA THR B 323 0.03 6.49 14.90
C THR B 323 0.83 6.38 13.63
N ALA B 324 2.14 6.37 13.82
CA ALA B 324 3.07 6.24 12.71
C ALA B 324 2.94 4.96 11.88
N VAL B 325 3.30 5.11 10.61
CA VAL B 325 3.44 4.03 9.66
C VAL B 325 4.82 4.08 9.00
N ASP B 326 5.23 2.92 8.49
CA ASP B 326 6.46 2.73 7.78
C ASP B 326 6.10 2.05 6.45
N MET B 327 6.05 2.81 5.35
CA MET B 327 5.23 2.40 4.23
C MET B 327 5.68 3.01 2.90
N ASP B 328 5.61 2.18 1.87
CA ASP B 328 5.69 2.55 0.47
C ASP B 328 4.57 3.48 0.09
N MET B 329 4.95 4.62 -0.47
CA MET B 329 3.99 5.60 -1.00
C MET B 329 4.30 6.06 -2.40
N ASN B 330 5.01 5.22 -3.12
CA ASN B 330 5.24 5.42 -4.55
C ASN B 330 3.96 5.44 -5.40
N HIS B 331 2.93 4.70 -4.96
CA HIS B 331 1.62 4.66 -5.63
C HIS B 331 0.81 5.95 -5.53
N ILE B 332 1.20 6.87 -4.63
CA ILE B 332 0.55 8.18 -4.47
C ILE B 332 1.57 9.36 -4.33
N PRO B 333 2.48 9.55 -5.29
CA PRO B 333 3.68 10.42 -5.01
C PRO B 333 3.37 11.87 -4.60
N ASP B 334 2.44 12.53 -5.28
CA ASP B 334 2.02 13.90 -4.93
C ASP B 334 1.41 14.00 -3.55
N ALA B 335 0.44 13.13 -3.27
CA ALA B 335 -0.29 13.20 -2.00
C ALA B 335 0.60 12.72 -0.84
N ALA B 336 1.62 11.92 -1.15
CA ALA B 336 2.52 11.32 -0.13
C ALA B 336 3.25 12.41 0.66
N MET B 337 3.55 13.56 0.03
CA MET B 337 4.25 14.62 0.72
C MET B 337 3.45 15.08 1.90
N THR B 338 2.12 15.00 1.78
CA THR B 338 1.23 15.35 2.90
C THR B 338 1.39 14.50 4.12
N ILE B 339 1.76 13.23 3.95
CA ILE B 339 2.06 12.38 5.07
C ILE B 339 3.24 12.91 5.86
N ALA B 340 4.21 13.55 5.20
CA ALA B 340 5.43 13.98 5.86
C ALA B 340 5.12 15.04 6.91
N THR B 341 4.11 15.90 6.68
CA THR B 341 3.69 16.83 7.74
C THR B 341 2.64 16.24 8.67
N THR B 342 1.80 15.36 8.17
CA THR B 342 0.87 14.65 9.04
C THR B 342 1.64 13.91 10.16
N ALA B 343 2.80 13.36 9.82
CA ALA B 343 3.69 12.64 10.75
C ALA B 343 4.09 13.44 11.95
N LEU B 344 4.09 14.73 11.83
CA LEU B 344 4.35 15.58 12.99
C LEU B 344 3.32 15.40 14.12
N PHE B 345 2.10 14.91 13.84
CA PHE B 345 1.06 14.76 14.84
C PHE B 345 0.77 13.30 15.27
N ALA B 346 1.57 12.34 14.81
CA ALA B 346 1.37 10.92 15.06
C ALA B 346 2.36 10.48 16.09
N THR B 347 1.96 9.41 16.78
CA THR B 347 2.84 8.78 17.77
C THR B 347 3.81 7.87 17.10
N GLY B 348 5.08 8.06 17.37
CA GLY B 348 6.12 7.20 16.79
C GLY B 348 6.78 7.87 15.62
N THR B 349 7.62 7.12 14.95
CA THR B 349 8.39 7.57 13.82
C THR B 349 7.78 7.11 12.52
N THR B 350 7.38 8.02 11.66
CA THR B 350 6.79 7.68 10.35
C THR B 350 7.87 7.59 9.31
N THR B 351 7.85 6.53 8.50
CA THR B 351 8.81 6.43 7.41
C THR B 351 8.07 6.29 6.09
N ILE B 352 8.36 7.19 5.14
CA ILE B 352 7.76 7.14 3.82
C ILE B 352 8.80 6.49 2.92
N ARG B 353 8.47 5.34 2.32
CA ARG B 353 9.39 4.56 1.51
C ARG B 353 9.12 4.61 0.06
N ASN B 354 10.14 4.24 -0.70
CA ASN B 354 10.10 4.01 -2.14
C ASN B 354 9.66 5.27 -2.86
N ILE B 355 10.23 6.39 -2.43
CA ILE B 355 9.87 7.66 -3.00
C ILE B 355 11.00 8.29 -3.74
N TYR B 356 11.76 7.48 -4.50
CA TYR B 356 12.85 8.05 -5.32
C TYR B 356 12.35 9.12 -6.29
N ASN B 357 11.15 8.92 -6.80
CA ASN B 357 10.42 9.87 -7.64
C ASN B 357 10.42 11.29 -7.10
N TRP B 358 10.38 11.50 -5.78
CA TRP B 358 10.42 12.86 -5.25
C TRP B 358 11.67 13.61 -5.73
N ARG B 359 12.78 12.87 -5.90
CA ARG B 359 14.06 13.49 -6.18
C ARG B 359 14.24 14.00 -7.59
N VAL B 360 13.46 13.47 -8.55
CA VAL B 360 13.66 13.79 -9.99
C VAL B 360 12.78 14.94 -10.54
N LYS B 361 12.14 15.73 -9.67
CA LYS B 361 11.34 16.89 -10.09
C LYS B 361 12.20 18.16 -10.31
N GLU B 362 11.56 19.28 -10.66
CA GLU B 362 12.21 20.61 -10.77
C GLU B 362 13.19 20.84 -9.62
N THR B 363 12.76 20.44 -8.43
CA THR B 363 13.59 20.46 -7.23
C THR B 363 13.53 19.09 -6.57
N ASP B 364 14.50 18.76 -5.72
CA ASP B 364 14.52 17.46 -5.01
C ASP B 364 13.54 17.64 -3.84
N ARG B 365 12.32 17.12 -3.97
CA ARG B 365 11.29 17.27 -2.94
C ARG B 365 11.63 16.53 -1.63
N LEU B 366 12.42 15.45 -1.69
CA LEU B 366 12.68 14.66 -0.52
C LEU B 366 13.58 15.51 0.42
N ASN B 367 14.71 16.00 -0.08
CA ASN B 367 15.54 16.93 0.68
C ASN B 367 14.87 18.29 1.02
N ALA B 368 14.05 18.83 0.12
CA ALA B 368 13.28 20.01 0.44
C ALA B 368 12.37 19.78 1.63
N MET B 369 11.59 18.70 1.65
CA MET B 369 10.69 18.42 2.78
C MET B 369 11.54 18.21 4.04
N ALA B 370 12.62 17.49 3.89
CA ALA B 370 13.53 17.26 5.02
C ALA B 370 14.03 18.56 5.63
N THR B 371 14.48 19.42 4.76
CA THR B 371 15.09 20.68 5.16
C THR B 371 14.04 21.48 5.96
N GLU B 372 12.81 21.56 5.46
CA GLU B 372 11.79 22.39 6.09
C GLU B 372 11.25 21.75 7.33
N LEU B 373 11.09 20.41 7.34
CA LEU B 373 10.72 19.68 8.57
C LEU B 373 11.71 19.92 9.74
N ARG B 374 13.00 20.02 9.46
CA ARG B 374 13.98 20.23 10.52
C ARG B 374 13.80 21.61 11.13
N LYS B 375 13.40 22.60 10.35
CA LYS B 375 13.18 23.95 10.91
C LYS B 375 12.07 24.01 11.94
N VAL B 376 11.04 23.13 11.80
CA VAL B 376 9.96 23.09 12.81
C VAL B 376 10.37 22.26 14.03
N GLY B 377 11.52 21.57 13.96
CA GLY B 377 12.06 20.79 15.09
C GLY B 377 11.95 19.29 14.97
N ALA B 378 11.49 18.76 13.84
CA ALA B 378 11.38 17.34 13.75
C ALA B 378 12.76 16.76 13.60
N GLU B 379 12.94 15.55 14.09
CA GLU B 379 14.11 14.74 13.80
C GLU B 379 13.83 14.03 12.48
N VAL B 380 14.69 14.26 11.50
CA VAL B 380 14.52 13.71 10.17
C VAL B 380 15.77 12.93 9.71
N VAL B 381 15.54 11.76 9.15
CA VAL B 381 16.60 10.94 8.58
C VAL B 381 16.22 10.70 7.10
N GLU B 382 17.17 10.96 6.21
CA GLU B 382 16.97 10.76 4.77
C GLU B 382 17.82 9.63 4.25
N GLY B 383 17.22 8.80 3.43
CA GLY B 383 17.96 7.75 2.75
C GLY B 383 17.78 7.98 1.28
N LYS B 384 18.25 7.03 0.44
CA LYS B 384 18.14 7.17 -1.02
C LYS B 384 16.72 7.51 -1.50
N ASP B 385 15.77 6.82 -0.93
CA ASP B 385 14.40 6.86 -1.39
C ASP B 385 13.42 6.77 -0.23
N TYR B 386 13.82 7.27 0.94
CA TYR B 386 12.94 7.28 2.06
C TYR B 386 13.23 8.47 2.96
N ILE B 387 12.21 8.87 3.71
CA ILE B 387 12.32 9.94 4.69
C ILE B 387 11.61 9.42 5.92
N SER B 388 12.26 9.66 7.06
CA SER B 388 11.82 9.14 8.34
C SER B 388 11.68 10.29 9.29
N ILE B 389 10.51 10.40 9.94
CA ILE B 389 10.12 11.61 10.64
C ILE B 389 9.69 11.29 12.07
N THR B 390 10.33 11.88 13.05
CA THR B 390 9.98 11.73 14.45
C THR B 390 9.58 13.14 14.94
N PRO B 391 8.34 13.33 15.36
CA PRO B 391 7.98 14.63 15.89
C PRO B 391 8.74 15.05 17.15
N PRO B 392 8.97 16.35 17.36
CA PRO B 392 9.49 16.74 18.66
C PRO B 392 8.38 16.91 19.68
N LYS B 393 8.76 16.91 20.95
CA LYS B 393 7.98 17.46 22.07
C LYS B 393 7.21 18.75 21.70
N SER B 394 7.88 19.69 21.10
CA SER B 394 7.27 20.98 20.84
C SER B 394 7.75 21.52 19.48
N LEU B 395 6.80 21.93 18.63
CA LEU B 395 7.16 22.54 17.36
C LEU B 395 7.74 23.95 17.55
N LYS B 396 8.58 24.38 16.60
CA LYS B 396 9.11 25.74 16.53
C LYS B 396 8.37 26.51 15.44
N HIS B 397 8.22 27.84 15.61
CA HIS B 397 7.76 28.73 14.54
C HIS B 397 8.85 28.87 13.51
N ALA B 398 8.63 28.32 12.33
CA ALA B 398 9.60 28.42 11.25
C ALA B 398 9.01 29.23 10.07
N GLU B 399 9.91 29.73 9.24
CA GLU B 399 9.59 30.36 7.99
C GLU B 399 9.94 29.26 6.99
N ILE B 400 8.97 28.84 6.21
CA ILE B 400 9.09 27.70 5.34
C ILE B 400 9.38 28.17 3.91
N ASP B 401 10.50 27.78 3.31
CA ASP B 401 10.68 27.96 1.86
C ASP B 401 9.89 26.93 1.06
N THR B 402 9.34 27.37 -0.07
CA THR B 402 8.39 26.56 -0.83
C THR B 402 8.84 26.11 -2.22
N TYR B 403 10.04 26.52 -2.63
CA TYR B 403 10.71 25.93 -3.78
C TYR B 403 9.89 26.06 -5.08
N ASN B 404 9.08 27.11 -5.22
CA ASN B 404 8.10 27.21 -6.34
C ASN B 404 7.16 25.97 -6.48
N ASP B 405 6.85 25.33 -5.33
CA ASP B 405 6.17 24.02 -5.32
C ASP B 405 4.99 24.19 -4.42
N HIS B 406 3.86 24.25 -5.09
CA HIS B 406 2.57 24.44 -4.50
C HIS B 406 2.31 23.38 -3.39
N ARG B 407 2.83 22.18 -3.55
CA ARG B 407 2.61 21.13 -2.58
C ARG B 407 3.36 21.32 -1.29
N VAL B 408 4.51 21.97 -1.35
CA VAL B 408 5.27 22.28 -0.13
C VAL B 408 4.47 23.26 0.75
N ALA B 409 3.96 24.33 0.12
CA ALA B 409 3.15 25.33 0.76
C ALA B 409 1.92 24.72 1.42
N MET B 410 1.23 23.84 0.70
CA MET B 410 0.04 23.23 1.25
C MET B 410 0.37 22.22 2.33
N CYS B 411 1.39 21.40 2.14
CA CYS B 411 1.80 20.47 3.21
C CYS B 411 2.04 21.19 4.53
N PHE B 412 2.79 22.29 4.48
CA PHE B 412 3.25 22.97 5.71
C PHE B 412 2.25 23.84 6.40
N SER B 413 1.15 24.16 5.72
CA SER B 413 0.02 24.78 6.34
C SER B 413 -0.52 23.97 7.50
N LEU B 414 -0.34 22.63 7.44
CA LEU B 414 -0.74 21.74 8.51
C LEU B 414 0.01 21.91 9.81
N VAL B 415 1.15 22.55 9.76
CA VAL B 415 1.90 22.83 10.95
C VAL B 415 1.07 23.70 11.89
N ALA B 416 0.16 24.53 11.36
CA ALA B 416 -0.70 25.38 12.19
C ALA B 416 -1.79 24.60 12.95
N LEU B 417 -1.88 23.29 12.78
CA LEU B 417 -2.77 22.49 13.63
C LEU B 417 -2.12 22.22 14.96
N SER B 418 -0.82 22.54 15.12
CA SER B 418 -0.18 22.44 16.44
C SER B 418 -0.55 23.66 17.33
N ASP B 419 0.17 23.85 18.42
CA ASP B 419 0.11 25.09 19.21
C ASP B 419 1.05 26.22 18.71
N THR B 420 1.70 26.07 17.55
CA THR B 420 2.73 26.97 17.09
C THR B 420 2.30 27.48 15.73
N PRO B 421 2.55 28.76 15.41
CA PRO B 421 2.24 29.22 14.06
C PRO B 421 3.26 28.70 13.04
N VAL B 422 2.93 28.84 11.77
CA VAL B 422 3.87 28.59 10.71
C VAL B 422 3.81 29.78 9.75
N THR B 423 4.95 30.14 9.18
CA THR B 423 5.02 31.18 8.15
C THR B 423 5.45 30.54 6.84
N ILE B 424 4.63 30.71 5.81
CA ILE B 424 4.86 30.11 4.51
C ILE B 424 5.44 31.19 3.56
N ASN B 425 6.67 31.00 3.04
CA ASN B 425 7.24 31.90 2.02
C ASN B 425 6.57 31.69 0.66
N ASP B 426 6.30 32.79 -0.05
CA ASP B 426 5.72 32.72 -1.41
C ASP B 426 4.43 31.85 -1.51
N PRO B 427 3.44 32.15 -0.68
CA PRO B 427 2.16 31.45 -0.78
C PRO B 427 1.50 31.46 -2.18
N LYS B 428 1.80 32.48 -2.99
CA LYS B 428 1.33 32.63 -4.39
C LYS B 428 1.62 31.43 -5.29
N CYS B 429 2.63 30.63 -4.94
CA CYS B 429 2.90 29.38 -5.68
C CYS B 429 1.65 28.45 -5.66
N THR B 430 0.71 28.61 -4.72
CA THR B 430 -0.54 27.84 -4.75
C THR B 430 -1.56 28.30 -5.77
N ALA B 431 -1.39 29.46 -6.40
CA ALA B 431 -2.25 29.84 -7.55
C ALA B 431 -2.21 28.82 -8.70
N LYS B 432 -1.14 28.03 -8.79
CA LYS B 432 -1.00 26.87 -9.71
C LYS B 432 -2.26 25.98 -9.71
N THR B 433 -2.35 25.00 -8.81
CA THR B 433 -3.52 24.13 -8.71
C THR B 433 -4.70 24.78 -8.03
N PHE B 434 -4.45 25.65 -7.06
CA PHE B 434 -5.47 25.88 -6.07
C PHE B 434 -5.49 27.34 -5.55
N PRO B 435 -5.93 28.30 -6.38
CA PRO B 435 -5.87 29.71 -5.96
C PRO B 435 -6.51 30.06 -4.60
N ASP B 436 -7.45 29.25 -4.21
CA ASP B 436 -8.30 29.48 -3.04
C ASP B 436 -7.87 28.57 -1.80
N TYR B 437 -6.66 28.00 -1.80
CA TYR B 437 -6.29 27.04 -0.77
C TYR B 437 -6.40 27.63 0.64
N PHE B 438 -5.75 28.75 0.88
CA PHE B 438 -5.74 29.31 2.23
C PHE B 438 -7.13 29.77 2.72
N ASP B 439 -8.00 30.23 1.80
CA ASP B 439 -9.42 30.54 2.13
C ASP B 439 -10.22 29.25 2.42
N LYS B 440 -9.94 28.17 1.68
CA LYS B 440 -10.63 26.91 1.97
C LYS B 440 -10.20 26.39 3.35
N LEU B 441 -8.91 26.48 3.67
CA LEU B 441 -8.44 26.02 4.96
C LEU B 441 -9.12 26.84 6.08
N ALA B 442 -9.21 28.16 5.87
CA ALA B 442 -9.89 29.03 6.81
C ALA B 442 -11.37 28.68 6.99
N GLN B 443 -12.06 28.25 5.92
CA GLN B 443 -13.46 27.83 6.01
C GLN B 443 -13.68 26.67 6.97
N VAL B 444 -12.73 25.74 7.08
CA VAL B 444 -12.87 24.60 7.99
C VAL B 444 -12.11 24.80 9.30
N SER B 445 -11.54 25.99 9.46
CA SER B 445 -10.85 26.34 10.70
C SER B 445 -11.85 26.99 11.65
N CYS B 446 -11.97 26.41 12.85
CA CYS B 446 -12.73 26.98 13.98
C CYS B 446 -11.76 27.36 15.11
#